data_8RHF
#
_entry.id   8RHF
#
_cell.length_a   46.753
_cell.length_b   116.527
_cell.length_c   121.101
_cell.angle_alpha   90.00
_cell.angle_beta   90.00
_cell.angle_gamma   90.00
#
_symmetry.space_group_name_H-M   'P 21 21 21'
#
loop_
_entity.id
_entity.type
_entity.pdbx_description
1 polymer 'LysM peptidoglycan-binding domain-containing protein'
2 non-polymer DI(HYDROXYETHYL)ETHER
3 non-polymer 4-O-(4-O-SULFONYL-N-ACETYLGLUCOSAMININYL)-5-METHYLHYDROXY-L-PROLINE-TAURINE
4 non-polymer 'ZINC ION'
5 water water
#
_entity_poly.entity_id   1
_entity_poly.type   'polypeptide(L)'
_entity_poly.pdbx_seq_one_letter_code
;MGSSHHHHHHSSGENLYFQGIWDRMRDGFQLQDAISTNPRIERQRLWFLSNQSFLEQSSARGSLYMHYVVERLEERNMPL
ELALLPVIESAYNPFALSRSNAAGLWQFIPATGQHFNLRQTNFYDGRRDITASTNAALTYLERLHDMFNGDWMLALAAYN
AGEGTVSRAIERNEKLGLPTDYWNLPLPQETQDYVPKLLALSQIVMAPDSYGISLNPINNEPYFQAVRVKRGIDLSSVAA
LANLDEDELYQLNPAYKRRVTMDGPQQLLVPMEKAAFLTASLDTLKPKEVTAWQQYRVRSGDSLHSIANRYRITVAELKS
ANRLSSNHLRKGQQLSIP
;
_entity_poly.pdbx_strand_id   B,A
#
loop_
_chem_comp.id
_chem_comp.type
_chem_comp.name
_chem_comp.formula
BLG non-polymer 4-O-(4-O-SULFONYL-N-ACETYLGLUCOSAMININYL)-5-METHYLHYDROXY-L-PROLINE-TAURINE 'C16 H30 N3 O14 S2 1'
PEG non-polymer DI(HYDROXYETHYL)ETHER 'C4 H10 O3'
ZN non-polymer 'ZINC ION' 'Zn 2'
#
# COMPACT_ATOMS: atom_id res chain seq x y z
N HIS A 7 19.69 -2.04 10.68
CA HIS A 7 18.21 -2.05 10.44
C HIS A 7 17.91 -2.35 8.94
N HIS A 8 17.40 -3.55 8.61
CA HIS A 8 17.23 -3.96 7.22
C HIS A 8 16.21 -3.06 6.51
N HIS A 9 16.56 -2.56 5.33
CA HIS A 9 15.61 -1.97 4.41
C HIS A 9 15.33 -3.01 3.31
N HIS A 10 14.04 -3.26 3.08
CA HIS A 10 13.62 -4.34 2.22
C HIS A 10 13.71 -3.90 0.75
N SER A 11 14.18 -4.81 -0.11
CA SER A 11 14.18 -4.64 -1.56
C SER A 11 13.14 -5.56 -2.17
N SER A 12 12.40 -5.05 -3.15
CA SER A 12 11.38 -5.85 -3.81
C SER A 12 12.03 -7.00 -4.59
N GLY A 13 13.32 -6.89 -4.89
CA GLY A 13 14.05 -7.98 -5.55
C GLY A 13 14.23 -9.22 -4.66
N GLU A 14 13.95 -9.09 -3.35
CA GLU A 14 13.96 -10.25 -2.46
C GLU A 14 12.69 -11.09 -2.62
N ASN A 15 11.64 -10.49 -3.22
CA ASN A 15 10.29 -10.98 -3.00
C ASN A 15 10.06 -12.33 -3.66
N LEU A 16 10.68 -12.55 -4.82
CA LEU A 16 10.39 -13.75 -5.58
C LEU A 16 10.94 -14.97 -4.82
N TYR A 17 11.85 -14.76 -3.85
CA TYR A 17 12.49 -15.86 -3.17
C TYR A 17 11.77 -16.29 -1.90
N PHE A 18 10.67 -15.64 -1.49
CA PHE A 18 10.00 -16.06 -0.27
C PHE A 18 9.02 -17.19 -0.56
N GLN A 19 8.89 -18.07 0.42
CA GLN A 19 8.10 -19.28 0.31
C GLN A 19 6.62 -18.90 0.36
N GLY A 20 6.32 -17.91 1.17
CA GLY A 20 4.96 -17.56 1.56
C GLY A 20 4.99 -16.28 2.36
N ILE A 21 3.87 -15.90 2.98
CA ILE A 21 3.80 -14.56 3.56
C ILE A 21 4.61 -14.55 4.86
N TRP A 22 4.72 -15.70 5.53
CA TRP A 22 5.32 -15.73 6.87
C TRP A 22 6.83 -15.53 6.81
N ASP A 23 7.44 -16.17 5.82
CA ASP A 23 8.85 -16.01 5.51
C ASP A 23 9.14 -14.52 5.21
N ARG A 24 8.29 -13.93 4.40
CA ARG A 24 8.46 -12.53 4.00
C ARG A 24 8.31 -11.64 5.23
N MET A 25 7.29 -11.91 6.04
CA MET A 25 7.02 -11.10 7.21
C MET A 25 8.21 -11.09 8.17
N ARG A 26 8.74 -12.28 8.53
CA ARG A 26 9.86 -12.40 9.44
C ARG A 26 11.08 -11.61 9.02
N ASP A 27 11.33 -11.56 7.71
CA ASP A 27 12.43 -10.83 7.11
C ASP A 27 12.43 -9.37 7.59
N GLY A 28 11.26 -8.84 7.98
CA GLY A 28 11.16 -7.42 8.32
C GLY A 28 10.94 -7.18 9.82
N PHE A 29 11.03 -8.23 10.63
CA PHE A 29 10.88 -8.10 12.07
C PHE A 29 12.05 -7.27 12.60
N GLN A 30 11.75 -6.37 13.52
CA GLN A 30 12.75 -5.45 14.07
C GLN A 30 12.79 -5.50 15.60
N LEU A 31 11.93 -6.28 16.25
CA LEU A 31 11.78 -6.18 17.69
C LEU A 31 12.35 -7.40 18.43
N GLN A 32 12.90 -8.38 17.69
CA GLN A 32 13.18 -9.69 18.26
C GLN A 32 14.41 -9.63 19.15
N ASP A 33 15.43 -8.87 18.72
CA ASP A 33 16.72 -8.81 19.40
C ASP A 33 16.57 -8.28 20.82
N ALA A 34 15.78 -7.21 20.98
CA ALA A 34 15.71 -6.48 22.24
C ALA A 34 14.63 -7.05 23.16
N ILE A 35 13.93 -8.12 22.74
CA ILE A 35 13.06 -8.81 23.67
C ILE A 35 13.93 -9.36 24.81
N SER A 36 13.31 -9.83 25.89
CA SER A 36 14.05 -10.59 26.90
C SER A 36 13.09 -11.43 27.73
N THR A 37 13.66 -12.28 28.60
CA THR A 37 12.87 -12.89 29.66
C THR A 37 12.01 -11.79 30.27
N ASN A 38 10.71 -12.04 30.30
CA ASN A 38 9.80 -11.40 31.21
C ASN A 38 8.69 -12.44 31.37
N PRO A 39 8.30 -12.76 32.62
CA PRO A 39 7.22 -13.71 32.84
C PRO A 39 5.98 -13.37 32.04
N ARG A 40 5.79 -12.06 31.80
CA ARG A 40 4.58 -11.60 31.14
C ARG A 40 4.52 -12.05 29.69
N ILE A 41 5.69 -12.21 29.04
CA ILE A 41 5.75 -12.66 27.66
C ILE A 41 5.47 -14.16 27.60
N GLU A 42 6.16 -14.93 28.45
CA GLU A 42 5.96 -16.38 28.52
C GLU A 42 4.49 -16.71 28.78
N ARG A 43 3.86 -15.99 29.71
CA ARG A 43 2.45 -16.16 30.01
C ARG A 43 1.59 -16.03 28.75
N GLN A 44 1.89 -15.05 27.89
CA GLN A 44 1.05 -14.87 26.70
C GLN A 44 1.34 -15.98 25.69
N ARG A 45 2.62 -16.31 25.57
CA ARG A 45 3.06 -17.34 24.64
C ARG A 45 2.34 -18.66 24.94
N LEU A 46 2.29 -19.02 26.23
CA LEU A 46 1.63 -20.25 26.64
C LEU A 46 0.15 -20.24 26.26
N TRP A 47 -0.51 -19.08 26.39
CA TRP A 47 -1.89 -19.00 25.95
C TRP A 47 -2.00 -19.38 24.46
N PHE A 48 -1.13 -18.81 23.62
CA PHE A 48 -1.19 -19.09 22.19
C PHE A 48 -0.93 -20.56 21.89
N LEU A 49 0.09 -21.13 22.55
CA LEU A 49 0.43 -22.54 22.37
C LEU A 49 -0.73 -23.44 22.82
N SER A 50 -1.49 -23.03 23.86
CA SER A 50 -2.59 -23.85 24.36
C SER A 50 -3.89 -23.61 23.59
N ASN A 51 -3.96 -22.54 22.79
CA ASN A 51 -5.19 -22.18 22.09
C ASN A 51 -4.86 -21.89 20.62
N GLN A 52 -4.44 -22.92 19.89
CA GLN A 52 -3.84 -22.72 18.59
C GLN A 52 -4.86 -22.32 17.54
N SER A 53 -6.15 -22.60 17.76
CA SER A 53 -7.14 -22.30 16.74
C SER A 53 -7.30 -20.79 16.54
N PHE A 54 -6.88 -20.01 17.55
CA PHE A 54 -7.00 -18.56 17.47
C PHE A 54 -6.14 -18.00 16.33
N LEU A 55 -4.84 -18.34 16.33
CA LEU A 55 -3.94 -17.90 15.28
C LEU A 55 -4.33 -18.53 13.96
N GLU A 56 -4.80 -19.79 13.99
CA GLU A 56 -5.18 -20.48 12.77
C GLU A 56 -6.36 -19.80 12.08
N GLN A 57 -7.38 -19.44 12.85
CA GLN A 57 -8.59 -18.82 12.30
C GLN A 57 -8.31 -17.37 11.91
N SER A 58 -7.47 -16.69 12.71
CA SER A 58 -7.05 -15.32 12.36
C SER A 58 -6.27 -15.34 11.05
N SER A 59 -5.44 -16.35 10.84
CA SER A 59 -4.63 -16.43 9.63
C SER A 59 -5.48 -16.72 8.39
N ALA A 60 -6.52 -17.55 8.53
CA ALA A 60 -7.37 -17.85 7.39
C ALA A 60 -8.01 -16.55 6.90
N ARG A 61 -8.57 -15.77 7.84
CA ARG A 61 -9.19 -14.50 7.50
C ARG A 61 -8.11 -13.52 7.05
N GLY A 62 -6.94 -13.63 7.67
CA GLY A 62 -5.77 -12.82 7.36
C GLY A 62 -5.30 -12.93 5.91
N SER A 63 -5.52 -14.08 5.27
CA SER A 63 -4.97 -14.30 3.96
C SER A 63 -5.55 -13.30 2.95
N LEU A 64 -6.71 -12.69 3.25
CA LEU A 64 -7.25 -11.68 2.34
C LEU A 64 -6.43 -10.41 2.40
N TYR A 65 -5.83 -10.13 3.57
CA TYR A 65 -5.39 -8.78 3.89
C TYR A 65 -3.88 -8.68 4.14
N MET A 66 -3.23 -9.80 4.47
CA MET A 66 -1.91 -9.76 5.09
C MET A 66 -0.84 -9.27 4.12
N HIS A 67 -0.93 -9.66 2.84
CA HIS A 67 0.02 -9.20 1.83
C HIS A 67 0.03 -7.67 1.74
N TYR A 68 -1.18 -7.08 1.74
CA TYR A 68 -1.33 -5.64 1.70
C TYR A 68 -0.63 -5.00 2.91
N VAL A 69 -0.89 -5.51 4.11
CA VAL A 69 -0.37 -4.90 5.32
C VAL A 69 1.15 -4.98 5.35
N VAL A 70 1.70 -6.15 4.99
CA VAL A 70 3.13 -6.38 4.95
C VAL A 70 3.80 -5.38 3.99
N GLU A 71 3.23 -5.19 2.80
CA GLU A 71 3.85 -4.28 1.85
C GLU A 71 3.85 -2.84 2.37
N ARG A 72 2.78 -2.41 3.04
CA ARG A 72 2.74 -1.05 3.57
C ARG A 72 3.81 -0.88 4.67
N LEU A 73 3.96 -1.89 5.55
CA LEU A 73 4.96 -1.81 6.60
C LEU A 73 6.37 -1.80 6.03
N GLU A 74 6.64 -2.65 5.02
CA GLU A 74 7.94 -2.68 4.37
C GLU A 74 8.31 -1.33 3.74
N GLU A 75 7.37 -0.70 3.00
CA GLU A 75 7.58 0.59 2.36
C GLU A 75 7.99 1.69 3.32
N ARG A 76 7.49 1.63 4.55
CA ARG A 76 7.79 2.61 5.59
C ARG A 76 8.93 2.17 6.52
N ASN A 77 9.47 0.96 6.31
CA ASN A 77 10.56 0.42 7.11
C ASN A 77 10.12 0.33 8.57
N MET A 78 8.85 -0.02 8.81
CA MET A 78 8.35 -0.19 10.16
C MET A 78 8.45 -1.68 10.55
N PRO A 79 8.43 -1.99 11.86
CA PRO A 79 8.51 -3.38 12.31
C PRO A 79 7.41 -4.27 11.73
N LEU A 80 7.81 -5.36 11.05
CA LEU A 80 6.83 -6.23 10.44
C LEU A 80 6.04 -7.01 11.50
N GLU A 81 6.48 -6.96 12.76
CA GLU A 81 5.65 -7.50 13.82
C GLU A 81 4.27 -6.83 13.86
N LEU A 82 4.16 -5.59 13.35
CA LEU A 82 2.88 -4.89 13.37
C LEU A 82 1.87 -5.55 12.43
N ALA A 83 2.34 -6.39 11.50
CA ALA A 83 1.47 -7.17 10.63
C ALA A 83 0.65 -8.18 11.43
N LEU A 84 1.08 -8.43 12.68
CA LEU A 84 0.36 -9.31 13.58
C LEU A 84 -0.59 -8.56 14.51
N LEU A 85 -0.51 -7.23 14.51
CA LEU A 85 -1.35 -6.46 15.40
C LEU A 85 -2.82 -6.72 15.12
N PRO A 86 -3.28 -6.82 13.85
CA PRO A 86 -4.69 -7.15 13.62
C PRO A 86 -5.12 -8.51 14.18
N VAL A 87 -4.17 -9.45 14.30
CA VAL A 87 -4.50 -10.73 14.93
C VAL A 87 -4.97 -10.47 16.35
N ILE A 88 -4.19 -9.72 17.14
CA ILE A 88 -4.56 -9.60 18.55
C ILE A 88 -5.69 -8.58 18.70
N GLU A 89 -5.85 -7.66 17.75
CA GLU A 89 -6.89 -6.63 17.84
C GLU A 89 -8.25 -7.19 17.41
N SER A 90 -8.29 -7.90 16.29
CA SER A 90 -9.56 -8.17 15.62
C SER A 90 -9.65 -9.59 15.04
N ALA A 91 -8.65 -10.45 15.28
CA ALA A 91 -8.55 -11.74 14.61
C ALA A 91 -8.63 -11.58 13.08
N TYR A 92 -8.08 -10.46 12.57
CA TYR A 92 -8.12 -10.10 11.16
C TYR A 92 -9.56 -10.12 10.63
N ASN A 93 -10.51 -9.74 11.48
CA ASN A 93 -11.91 -9.65 11.10
C ASN A 93 -12.32 -8.19 11.03
N PRO A 94 -12.50 -7.60 9.82
CA PRO A 94 -12.80 -6.18 9.72
C PRO A 94 -14.17 -5.82 10.29
N PHE A 95 -15.03 -6.82 10.53
CA PHE A 95 -16.35 -6.58 11.11
C PHE A 95 -16.32 -6.56 12.65
N ALA A 96 -15.18 -6.91 13.28
CA ALA A 96 -15.10 -6.92 14.73
C ALA A 96 -15.45 -5.55 15.33
N LEU A 97 -16.22 -5.58 16.44
CA LEU A 97 -16.62 -4.36 17.12
C LEU A 97 -16.51 -4.59 18.62
N SER A 98 -15.65 -3.81 19.28
CA SER A 98 -15.41 -3.98 20.70
C SER A 98 -16.51 -3.26 21.49
N ARG A 99 -16.47 -3.42 22.81
CA ARG A 99 -17.38 -2.71 23.71
C ARG A 99 -17.11 -1.21 23.72
N SER A 100 -15.86 -0.80 23.39
CA SER A 100 -15.51 0.61 23.21
C SER A 100 -15.93 1.11 21.84
N ASN A 101 -16.61 0.27 21.05
CA ASN A 101 -16.90 0.59 19.65
C ASN A 101 -15.62 0.73 18.82
N ALA A 102 -14.59 -0.06 19.12
CA ALA A 102 -13.42 -0.16 18.26
C ALA A 102 -13.82 -1.00 17.04
N ALA A 103 -13.50 -0.50 15.83
CA ALA A 103 -13.96 -1.11 14.59
C ALA A 103 -12.80 -1.38 13.63
N GLY A 104 -13.01 -2.41 12.79
CA GLY A 104 -12.12 -2.76 11.70
C GLY A 104 -10.92 -3.57 12.16
N LEU A 105 -10.05 -3.90 11.20
CA LEU A 105 -8.85 -4.70 11.44
C LEU A 105 -8.02 -4.07 12.56
N TRP A 106 -7.94 -2.72 12.58
CA TRP A 106 -7.03 -2.03 13.47
C TRP A 106 -7.70 -1.51 14.76
N GLN A 107 -9.02 -1.68 14.84
CA GLN A 107 -9.76 -1.42 16.08
C GLN A 107 -9.59 0.05 16.48
N PHE A 108 -9.96 0.93 15.54
CA PHE A 108 -10.10 2.35 15.83
C PHE A 108 -11.40 2.60 16.56
N ILE A 109 -11.32 3.31 17.71
CA ILE A 109 -12.50 3.87 18.34
C ILE A 109 -12.98 5.05 17.52
N PRO A 110 -14.26 5.46 17.68
CA PRO A 110 -14.83 6.55 16.88
C PRO A 110 -14.01 7.83 16.88
N ALA A 111 -13.56 8.28 18.06
CA ALA A 111 -12.89 9.57 18.17
C ALA A 111 -11.51 9.52 17.47
N THR A 112 -10.81 8.40 17.59
CA THR A 112 -9.49 8.30 17.00
C THR A 112 -9.65 8.17 15.48
N GLY A 113 -10.68 7.41 15.05
CA GLY A 113 -11.03 7.33 13.65
C GLY A 113 -11.30 8.71 13.04
N GLN A 114 -12.03 9.52 13.77
CA GLN A 114 -12.35 10.88 13.34
C GLN A 114 -11.07 11.71 13.26
N HIS A 115 -10.16 11.57 14.23
CA HIS A 115 -8.90 12.30 14.16
C HIS A 115 -8.24 12.03 12.80
N PHE A 116 -8.24 10.76 12.37
CA PHE A 116 -7.57 10.38 11.13
C PHE A 116 -8.48 10.54 9.91
N ASN A 117 -9.62 11.21 10.07
CA ASN A 117 -10.54 11.48 8.97
C ASN A 117 -10.98 10.17 8.31
N LEU A 118 -11.27 9.18 9.14
CA LEU A 118 -11.93 7.96 8.72
C LEU A 118 -13.42 8.19 8.93
N ARG A 119 -14.11 8.56 7.85
CA ARG A 119 -15.47 9.07 7.96
C ARG A 119 -16.42 7.96 8.37
N GLN A 120 -17.47 8.38 9.10
CA GLN A 120 -18.45 7.47 9.65
C GLN A 120 -19.83 8.01 9.28
N THR A 121 -20.46 7.40 8.27
CA THR A 121 -21.78 7.80 7.80
C THR A 121 -22.69 6.58 7.76
N ASN A 122 -23.94 6.78 7.38
CA ASN A 122 -24.86 5.67 7.19
C ASN A 122 -24.41 4.76 6.05
N PHE A 123 -23.60 5.28 5.10
CA PHE A 123 -23.19 4.49 3.95
C PHE A 123 -21.79 3.90 4.09
N TYR A 124 -20.95 4.45 4.99
CA TYR A 124 -19.51 4.20 4.91
C TYR A 124 -18.88 4.37 6.29
N ASP A 125 -18.07 3.39 6.69
CA ASP A 125 -17.24 3.53 7.88
C ASP A 125 -15.77 3.30 7.52
N GLY A 126 -15.02 4.39 7.46
CA GLY A 126 -13.63 4.35 7.03
C GLY A 126 -12.76 3.46 7.92
N ARG A 127 -13.16 3.26 9.18
CA ARG A 127 -12.38 2.42 10.08
C ARG A 127 -12.33 0.98 9.59
N ARG A 128 -13.37 0.55 8.87
CA ARG A 128 -13.42 -0.80 8.33
C ARG A 128 -12.70 -0.91 6.99
N ASP A 129 -12.63 0.21 6.27
CA ASP A 129 -11.94 0.30 4.98
C ASP A 129 -10.50 -0.22 5.15
N ILE A 130 -10.15 -1.26 4.39
CA ILE A 130 -8.88 -1.97 4.56
C ILE A 130 -7.70 -1.02 4.30
N THR A 131 -7.70 -0.30 3.17
CA THR A 131 -6.55 0.51 2.83
C THR A 131 -6.51 1.76 3.70
N ALA A 132 -7.65 2.45 3.87
CA ALA A 132 -7.68 3.67 4.69
C ALA A 132 -7.32 3.39 6.15
N SER A 133 -7.86 2.34 6.74
CA SER A 133 -7.61 2.08 8.15
C SER A 133 -6.16 1.61 8.38
N THR A 134 -5.62 0.80 7.45
CA THR A 134 -4.22 0.38 7.51
C THR A 134 -3.27 1.57 7.43
N ASN A 135 -3.45 2.46 6.45
CA ASN A 135 -2.57 3.61 6.36
C ASN A 135 -2.72 4.53 7.57
N ALA A 136 -3.92 4.70 8.13
CA ALA A 136 -4.09 5.52 9.32
C ALA A 136 -3.43 4.87 10.53
N ALA A 137 -3.56 3.56 10.67
CA ALA A 137 -2.98 2.86 11.81
C ALA A 137 -1.45 2.97 11.80
N LEU A 138 -0.84 2.79 10.63
CA LEU A 138 0.62 2.90 10.53
C LEU A 138 1.05 4.33 10.81
N THR A 139 0.32 5.34 10.32
CA THR A 139 0.66 6.73 10.62
C THR A 139 0.53 6.98 12.14
N TYR A 140 -0.53 6.47 12.75
CA TYR A 140 -0.73 6.67 14.19
C TYR A 140 0.41 6.01 14.97
N LEU A 141 0.76 4.77 14.61
CA LEU A 141 1.83 4.06 15.30
C LEU A 141 3.16 4.79 15.13
N GLU A 142 3.47 5.31 13.92
CA GLU A 142 4.69 6.06 13.69
C GLU A 142 4.71 7.32 14.55
N ARG A 143 3.59 8.02 14.62
CA ARG A 143 3.50 9.24 15.39
C ARG A 143 3.67 8.94 16.89
N LEU A 144 3.08 7.86 17.36
CA LEU A 144 3.25 7.47 18.77
C LEU A 144 4.69 7.11 19.06
N HIS A 145 5.31 6.36 18.15
CA HIS A 145 6.72 6.01 18.24
C HIS A 145 7.55 7.28 18.33
N ASP A 146 7.23 8.30 17.52
CA ASP A 146 7.98 9.55 17.55
C ASP A 146 7.76 10.32 18.87
N MET A 147 6.57 10.26 19.44
CA MET A 147 6.23 10.95 20.69
C MET A 147 7.00 10.32 21.85
N PHE A 148 7.30 9.02 21.77
CA PHE A 148 7.96 8.33 22.88
C PHE A 148 9.40 7.98 22.53
N ASN A 149 10.05 8.91 21.80
CA ASN A 149 11.47 8.87 21.56
C ASN A 149 11.93 7.58 20.89
N GLY A 150 11.12 7.03 19.98
CA GLY A 150 11.50 5.86 19.23
C GLY A 150 11.21 4.54 19.94
N ASP A 151 10.52 4.56 21.09
CA ASP A 151 10.27 3.35 21.85
C ASP A 151 8.98 2.67 21.39
N TRP A 152 9.10 1.53 20.70
CA TRP A 152 7.96 0.77 20.19
C TRP A 152 7.09 0.21 21.30
N MET A 153 7.64 -0.10 22.48
CA MET A 153 6.85 -0.68 23.55
C MET A 153 5.86 0.37 24.03
N LEU A 154 6.34 1.58 24.27
CA LEU A 154 5.47 2.65 24.75
C LEU A 154 4.48 3.05 23.66
N ALA A 155 4.91 3.02 22.41
CA ALA A 155 4.02 3.35 21.31
C ALA A 155 2.84 2.38 21.23
N LEU A 156 3.12 1.07 21.36
CA LEU A 156 2.08 0.06 21.35
C LEU A 156 1.16 0.28 22.54
N ALA A 157 1.74 0.55 23.72
CA ALA A 157 0.94 0.81 24.91
C ALA A 157 -0.01 1.98 24.67
N ALA A 158 0.49 3.06 24.07
CA ALA A 158 -0.32 4.24 23.78
C ALA A 158 -1.37 3.97 22.71
N TYR A 159 -1.11 3.07 21.76
CA TYR A 159 -2.09 2.73 20.74
C TYR A 159 -3.33 2.13 21.41
N ASN A 160 -3.08 1.31 22.45
CA ASN A 160 -4.12 0.63 23.19
C ASN A 160 -4.77 1.55 24.23
N ALA A 161 -3.97 2.32 24.98
CA ALA A 161 -4.49 3.01 26.15
C ALA A 161 -4.65 4.51 25.90
N GLY A 162 -4.01 5.03 24.85
CA GLY A 162 -3.93 6.46 24.64
C GLY A 162 -2.60 7.06 25.08
N GLU A 163 -2.14 8.06 24.30
CA GLU A 163 -0.90 8.76 24.59
C GLU A 163 -0.98 9.39 25.99
N GLY A 164 -2.14 9.98 26.32
CA GLY A 164 -2.35 10.60 27.62
C GLY A 164 -2.12 9.66 28.81
N THR A 165 -2.76 8.49 28.78
CA THR A 165 -2.64 7.51 29.84
C THR A 165 -1.18 7.12 30.04
N VAL A 166 -0.47 6.86 28.93
CA VAL A 166 0.90 6.40 29.02
C VAL A 166 1.78 7.52 29.56
N SER A 167 1.55 8.76 29.10
CA SER A 167 2.35 9.89 29.53
C SER A 167 2.21 10.16 31.03
N ARG A 168 0.96 10.15 31.51
CA ARG A 168 0.70 10.35 32.95
C ARG A 168 1.35 9.24 33.79
N ALA A 169 1.36 8.00 33.27
CA ALA A 169 1.95 6.89 34.01
C ALA A 169 3.46 7.11 34.08
N ILE A 170 4.07 7.57 32.99
CA ILE A 170 5.49 7.88 33.00
C ILE A 170 5.79 8.94 34.06
N GLU A 171 4.97 10.00 34.09
CA GLU A 171 5.20 11.13 34.97
C GLU A 171 5.10 10.69 36.44
N ARG A 172 4.08 9.89 36.72
CA ARG A 172 3.86 9.39 38.05
C ARG A 172 5.08 8.57 38.50
N ASN A 173 5.61 7.69 37.65
CA ASN A 173 6.83 6.96 38.00
C ASN A 173 7.97 7.92 38.23
N GLU A 174 8.09 8.95 37.38
CA GLU A 174 9.19 9.90 37.56
C GLU A 174 9.11 10.52 38.96
N LYS A 175 7.90 10.92 39.37
CA LYS A 175 7.72 11.57 40.66
C LYS A 175 8.14 10.64 41.79
N LEU A 176 7.78 9.35 41.68
CA LEU A 176 8.12 8.34 42.68
C LEU A 176 9.60 7.93 42.58
N GLY A 177 10.34 8.42 41.59
CA GLY A 177 11.72 8.00 41.38
C GLY A 177 11.88 6.56 40.88
N LEU A 178 10.93 6.09 40.06
CA LEU A 178 11.03 4.77 39.45
C LEU A 178 11.38 4.91 37.98
N PRO A 179 12.00 3.88 37.34
CA PRO A 179 12.22 3.89 35.90
C PRO A 179 10.88 3.98 35.17
N THR A 180 10.92 4.49 33.95
CA THR A 180 9.72 4.82 33.21
C THR A 180 9.59 4.04 31.89
N ASP A 181 10.29 2.91 31.78
CA ASP A 181 10.10 2.01 30.65
C ASP A 181 8.73 1.34 30.79
N TYR A 182 8.19 0.87 29.66
CA TYR A 182 6.86 0.30 29.60
C TYR A 182 6.62 -0.73 30.70
N TRP A 183 7.58 -1.63 30.91
CA TRP A 183 7.39 -2.78 31.77
C TRP A 183 7.19 -2.35 33.23
N ASN A 184 7.65 -1.15 33.57
CA ASN A 184 7.56 -0.67 34.94
C ASN A 184 6.34 0.24 35.16
N LEU A 185 5.56 0.53 34.11
CA LEU A 185 4.39 1.40 34.28
C LEU A 185 3.21 0.56 34.73
N PRO A 186 2.45 0.98 35.78
CA PRO A 186 1.32 0.21 36.30
C PRO A 186 0.04 0.49 35.52
N LEU A 187 -0.11 -0.16 34.38
CA LEU A 187 -1.12 0.21 33.41
C LEU A 187 -2.36 -0.66 33.63
N PRO A 188 -3.54 -0.27 33.09
CA PRO A 188 -4.71 -1.14 33.07
C PRO A 188 -4.36 -2.50 32.49
N GLN A 189 -5.09 -3.54 32.90
CA GLN A 189 -4.67 -4.90 32.64
C GLN A 189 -4.59 -5.15 31.14
N GLU A 190 -5.55 -4.64 30.38
CA GLU A 190 -5.59 -4.82 28.93
C GLU A 190 -4.27 -4.39 28.30
N THR A 191 -3.76 -3.24 28.76
CA THR A 191 -2.55 -2.63 28.25
C THR A 191 -1.31 -3.35 28.80
N GLN A 192 -1.36 -3.83 30.05
CA GLN A 192 -0.31 -4.66 30.62
C GLN A 192 -0.10 -5.93 29.78
N ASP A 193 -1.19 -6.43 29.20
CA ASP A 193 -1.14 -7.68 28.48
C ASP A 193 -0.84 -7.42 27.00
N TYR A 194 -1.12 -6.21 26.52
CA TYR A 194 -1.13 -5.90 25.10
C TYR A 194 0.25 -6.13 24.46
N VAL A 195 1.25 -5.46 25.02
CA VAL A 195 2.60 -5.53 24.49
C VAL A 195 3.15 -6.97 24.55
N PRO A 196 3.15 -7.67 25.72
CA PRO A 196 3.72 -9.01 25.75
C PRO A 196 2.97 -9.99 24.85
N LYS A 197 1.67 -9.74 24.65
CA LYS A 197 0.89 -10.53 23.73
C LYS A 197 1.45 -10.41 22.32
N LEU A 198 1.68 -9.19 21.83
CA LEU A 198 2.22 -9.02 20.49
C LEU A 198 3.62 -9.61 20.39
N LEU A 199 4.43 -9.41 21.43
CA LEU A 199 5.80 -9.92 21.38
C LEU A 199 5.78 -11.45 21.35
N ALA A 200 4.94 -12.05 22.20
CA ALA A 200 4.83 -13.50 22.29
C ALA A 200 4.42 -14.07 20.94
N LEU A 201 3.40 -13.47 20.32
CA LEU A 201 2.92 -13.93 19.04
C LEU A 201 4.05 -13.84 18.01
N SER A 202 4.84 -12.77 18.07
CA SER A 202 5.89 -12.53 17.09
C SER A 202 7.01 -13.56 17.26
N GLN A 203 7.28 -13.97 18.50
CA GLN A 203 8.28 -15.00 18.77
C GLN A 203 7.89 -16.33 18.14
N ILE A 204 6.59 -16.67 18.18
CA ILE A 204 6.13 -17.91 17.58
C ILE A 204 6.18 -17.82 16.06
N VAL A 205 5.75 -16.68 15.50
CA VAL A 205 5.79 -16.51 14.06
C VAL A 205 7.25 -16.52 13.58
N MET A 206 8.18 -16.08 14.42
CA MET A 206 9.59 -15.97 14.04
C MET A 206 10.22 -17.37 13.89
N ALA A 207 9.78 -18.33 14.71
CA ALA A 207 10.42 -19.65 14.78
C ALA A 207 9.36 -20.69 15.11
N PRO A 208 8.35 -20.91 14.24
CA PRO A 208 7.18 -21.70 14.60
C PRO A 208 7.52 -23.17 14.84
N ASP A 209 8.48 -23.70 14.06
CA ASP A 209 8.94 -25.08 14.21
C ASP A 209 9.44 -25.33 15.63
N SER A 210 10.15 -24.35 16.21
CA SER A 210 10.74 -24.54 17.54
C SER A 210 9.66 -24.66 18.62
N TYR A 211 8.41 -24.31 18.28
CA TYR A 211 7.30 -24.36 19.21
C TYR A 211 6.28 -25.41 18.78
N GLY A 212 6.61 -26.15 17.71
CA GLY A 212 5.72 -27.16 17.15
C GLY A 212 4.45 -26.57 16.55
N ILE A 213 4.54 -25.37 15.99
CA ILE A 213 3.41 -24.67 15.39
C ILE A 213 3.52 -24.81 13.88
N SER A 214 2.39 -25.01 13.21
CA SER A 214 2.33 -24.94 11.77
C SER A 214 1.52 -23.71 11.38
N LEU A 215 2.14 -22.78 10.67
CA LEU A 215 1.45 -21.56 10.27
C LEU A 215 0.58 -21.88 9.05
N ASN A 216 -0.62 -21.28 8.99
CA ASN A 216 -1.45 -21.45 7.82
C ASN A 216 -0.68 -21.08 6.56
N PRO A 217 -0.65 -21.93 5.52
CA PRO A 217 -0.01 -21.58 4.27
C PRO A 217 -0.73 -20.39 3.63
N ILE A 218 0.02 -19.32 3.41
CA ILE A 218 -0.48 -18.15 2.72
C ILE A 218 0.62 -17.78 1.75
N ASN A 219 0.22 -17.65 0.48
CA ASN A 219 1.11 -17.33 -0.60
C ASN A 219 1.61 -15.89 -0.44
N ASN A 220 2.76 -15.65 -1.04
CA ASN A 220 3.38 -14.35 -1.14
C ASN A 220 2.92 -13.68 -2.44
N GLU A 221 1.62 -13.49 -2.57
CA GLU A 221 1.05 -12.87 -3.76
C GLU A 221 -0.05 -11.93 -3.30
N PRO A 222 -0.37 -10.88 -4.08
CA PRO A 222 -1.48 -10.01 -3.72
C PRO A 222 -2.75 -10.86 -3.79
N TYR A 223 -3.69 -10.56 -2.90
CA TYR A 223 -4.99 -11.19 -2.95
C TYR A 223 -5.94 -10.34 -3.78
N PHE A 224 -5.81 -9.00 -3.67
CA PHE A 224 -6.75 -8.10 -4.31
C PHE A 224 -6.05 -6.98 -5.08
N GLN A 225 -6.82 -6.28 -5.94
CA GLN A 225 -6.39 -5.09 -6.63
C GLN A 225 -7.50 -4.05 -6.48
N ALA A 226 -7.13 -2.77 -6.35
CA ALA A 226 -8.07 -1.68 -6.31
C ALA A 226 -8.51 -1.39 -7.74
N VAL A 227 -9.82 -1.19 -7.93
CA VAL A 227 -10.41 -0.93 -9.23
C VAL A 227 -11.35 0.27 -9.12
N ARG A 228 -11.22 1.24 -10.02
CA ARG A 228 -12.08 2.42 -10.03
C ARG A 228 -13.54 2.01 -10.24
N VAL A 229 -14.44 2.60 -9.46
CA VAL A 229 -15.86 2.33 -9.56
C VAL A 229 -16.62 3.64 -9.37
N LYS A 230 -17.79 3.75 -10.01
CA LYS A 230 -18.62 4.94 -9.87
C LYS A 230 -19.37 4.88 -8.56
N ARG A 231 -19.86 6.03 -8.11
CA ARG A 231 -20.73 6.09 -6.95
C ARG A 231 -22.09 5.47 -7.31
N GLY A 232 -22.72 4.86 -6.30
CA GLY A 232 -24.08 4.34 -6.40
C GLY A 232 -24.20 2.98 -7.07
N ILE A 233 -23.10 2.22 -7.14
CA ILE A 233 -23.14 0.85 -7.63
C ILE A 233 -23.37 -0.08 -6.43
N ASP A 234 -24.20 -1.12 -6.62
CA ASP A 234 -24.42 -2.17 -5.64
C ASP A 234 -23.33 -3.23 -5.75
N LEU A 235 -22.87 -3.77 -4.61
CA LEU A 235 -21.90 -4.87 -4.64
C LEU A 235 -22.47 -6.10 -5.33
N SER A 236 -23.78 -6.33 -5.19
CA SER A 236 -24.47 -7.41 -5.89
C SER A 236 -24.30 -7.27 -7.41
N SER A 237 -24.41 -6.04 -7.92
CA SER A 237 -24.24 -5.82 -9.35
C SER A 237 -22.82 -6.19 -9.78
N VAL A 238 -21.83 -5.87 -8.94
CA VAL A 238 -20.44 -6.16 -9.30
C VAL A 238 -20.24 -7.67 -9.25
N ALA A 239 -20.79 -8.29 -8.21
CA ALA A 239 -20.70 -9.74 -8.05
C ALA A 239 -21.26 -10.44 -9.29
N ALA A 240 -22.42 -9.97 -9.80
CA ALA A 240 -23.05 -10.61 -10.95
C ALA A 240 -22.19 -10.40 -12.19
N LEU A 241 -21.73 -9.16 -12.39
CA LEU A 241 -20.90 -8.83 -13.54
C LEU A 241 -19.64 -9.71 -13.60
N ALA A 242 -19.01 -9.97 -12.45
CA ALA A 242 -17.72 -10.65 -12.41
C ALA A 242 -17.84 -12.11 -11.99
N ASN A 243 -19.07 -12.65 -11.82
CA ASN A 243 -19.25 -14.03 -11.40
C ASN A 243 -18.55 -14.29 -10.06
N LEU A 244 -18.72 -13.39 -9.09
CA LEU A 244 -18.12 -13.54 -7.77
C LEU A 244 -19.22 -13.68 -6.73
N ASP A 245 -18.84 -14.21 -5.59
CA ASP A 245 -19.65 -14.22 -4.40
C ASP A 245 -19.70 -12.80 -3.85
N GLU A 246 -20.91 -12.28 -3.63
CA GLU A 246 -21.07 -10.97 -3.00
C GLU A 246 -20.32 -10.91 -1.65
N ASP A 247 -20.32 -12.03 -0.92
CA ASP A 247 -19.67 -12.14 0.38
C ASP A 247 -18.18 -11.80 0.29
N GLU A 248 -17.51 -12.26 -0.77
CA GLU A 248 -16.09 -12.00 -0.96
C GLU A 248 -15.87 -10.51 -1.15
N LEU A 249 -16.68 -9.88 -2.03
CA LEU A 249 -16.56 -8.45 -2.26
C LEU A 249 -16.82 -7.66 -0.98
N TYR A 250 -17.75 -8.13 -0.13
CA TYR A 250 -18.06 -7.44 1.12
C TYR A 250 -16.89 -7.57 2.09
N GLN A 251 -16.28 -8.76 2.15
CA GLN A 251 -15.13 -8.96 3.00
C GLN A 251 -13.94 -8.09 2.54
N LEU A 252 -13.86 -7.78 1.25
CA LEU A 252 -12.82 -6.92 0.74
C LEU A 252 -13.16 -5.44 0.86
N ASN A 253 -14.46 -5.12 0.97
CA ASN A 253 -14.93 -3.74 1.02
C ASN A 253 -15.92 -3.61 2.18
N PRO A 254 -15.46 -3.91 3.41
CA PRO A 254 -16.34 -3.89 4.57
C PRO A 254 -16.85 -2.52 4.99
N ALA A 255 -16.30 -1.43 4.46
CA ALA A 255 -16.73 -0.10 4.88
C ALA A 255 -18.16 0.22 4.42
N TYR A 256 -18.60 -0.42 3.33
CA TYR A 256 -19.84 -0.05 2.66
C TYR A 256 -21.00 -0.77 3.34
N LYS A 257 -21.55 -0.11 4.35
CA LYS A 257 -22.51 -0.69 5.28
C LYS A 257 -23.80 -1.13 4.57
N ARG A 258 -24.17 -0.44 3.49
CA ARG A 258 -25.40 -0.74 2.76
C ARG A 258 -25.08 -1.41 1.42
N ARG A 259 -23.84 -1.89 1.28
CA ARG A 259 -23.40 -2.65 0.12
C ARG A 259 -23.62 -1.85 -1.17
N VAL A 260 -23.39 -0.54 -1.09
CA VAL A 260 -23.44 0.37 -2.23
C VAL A 260 -22.30 1.38 -2.08
N THR A 261 -21.68 1.75 -3.21
CA THR A 261 -20.53 2.62 -3.23
C THR A 261 -20.98 4.07 -3.01
N MET A 262 -20.94 4.50 -1.74
CA MET A 262 -21.32 5.84 -1.38
C MET A 262 -20.45 6.31 -0.23
N ASP A 263 -19.99 7.58 -0.31
CA ASP A 263 -19.30 8.27 0.76
C ASP A 263 -17.89 7.75 0.98
N GLY A 264 -17.38 6.93 0.05
CA GLY A 264 -16.10 6.29 0.20
C GLY A 264 -15.11 6.66 -0.90
N PRO A 265 -14.08 5.81 -1.14
CA PRO A 265 -13.03 6.13 -2.07
C PRO A 265 -13.34 5.99 -3.57
N GLN A 266 -14.55 5.61 -3.95
CA GLN A 266 -14.81 5.42 -5.37
C GLN A 266 -13.82 4.39 -5.92
N GLN A 267 -13.77 3.25 -5.22
CA GLN A 267 -12.79 2.23 -5.52
C GLN A 267 -13.26 0.96 -4.82
N LEU A 268 -13.13 -0.17 -5.51
CA LEU A 268 -13.43 -1.46 -4.90
C LEU A 268 -12.15 -2.28 -4.90
N LEU A 269 -11.91 -2.98 -3.79
CA LEU A 269 -10.90 -4.03 -3.79
C LEU A 269 -11.56 -5.27 -4.37
N VAL A 270 -10.90 -5.89 -5.36
CA VAL A 270 -11.46 -7.07 -5.97
C VAL A 270 -10.38 -8.13 -6.04
N PRO A 271 -10.79 -9.41 -6.10
CA PRO A 271 -9.86 -10.51 -6.22
C PRO A 271 -9.01 -10.35 -7.48
N MET A 272 -7.71 -10.70 -7.38
CA MET A 272 -6.77 -10.55 -8.47
C MET A 272 -7.30 -11.19 -9.76
N GLU A 273 -7.93 -12.36 -9.63
CA GLU A 273 -8.33 -13.16 -10.78
C GLU A 273 -9.40 -12.43 -11.60
N LYS A 274 -10.10 -11.45 -11.01
CA LYS A 274 -11.13 -10.69 -11.71
C LYS A 274 -10.74 -9.23 -11.93
N ALA A 275 -9.50 -8.85 -11.59
CA ALA A 275 -9.08 -7.46 -11.66
C ALA A 275 -9.05 -6.93 -13.10
N ALA A 276 -8.44 -7.67 -14.03
CA ALA A 276 -8.40 -7.26 -15.42
C ALA A 276 -9.82 -7.05 -15.95
N PHE A 277 -10.68 -8.06 -15.73
CA PHE A 277 -12.04 -8.01 -16.26
C PHE A 277 -12.78 -6.78 -15.72
N LEU A 278 -12.69 -6.53 -14.41
CA LEU A 278 -13.44 -5.46 -13.79
C LEU A 278 -12.81 -4.08 -14.11
N THR A 279 -11.48 -4.02 -14.29
CA THR A 279 -10.87 -2.75 -14.67
C THR A 279 -11.44 -2.33 -16.04
N ALA A 280 -11.57 -3.29 -16.95
CA ALA A 280 -12.13 -3.04 -18.27
C ALA A 280 -13.64 -2.79 -18.23
N SER A 281 -14.36 -3.35 -17.26
CA SER A 281 -15.80 -3.52 -17.36
C SER A 281 -16.61 -2.56 -16.50
N LEU A 282 -16.00 -1.84 -15.54
CA LEU A 282 -16.81 -1.31 -14.45
C LEU A 282 -17.51 0.00 -14.80
N ASP A 283 -17.34 0.50 -16.03
CA ASP A 283 -18.04 1.69 -16.47
C ASP A 283 -19.39 1.34 -17.08
N THR A 284 -19.62 0.04 -17.35
CA THR A 284 -20.88 -0.42 -17.94
C THR A 284 -21.99 -0.37 -16.89
N LEU A 285 -21.63 -0.63 -15.62
CA LEU A 285 -22.56 -0.49 -14.52
C LEU A 285 -22.84 0.99 -14.28
N LYS A 286 -24.11 1.27 -13.99
CA LYS A 286 -24.61 2.63 -13.86
C LYS A 286 -25.42 2.72 -12.57
N PRO A 287 -25.30 3.82 -11.80
CA PRO A 287 -26.07 3.99 -10.56
C PRO A 287 -27.56 3.73 -10.79
N LYS A 288 -28.11 2.77 -10.05
CA LYS A 288 -29.46 2.28 -10.30
C LYS A 288 -30.01 1.66 -9.01
N GLN A 294 -39.59 -0.27 -14.40
CA GLN A 294 -39.57 0.53 -15.65
C GLN A 294 -38.82 -0.26 -16.72
N GLN A 295 -37.49 -0.18 -16.72
CA GLN A 295 -36.69 -0.83 -17.75
C GLN A 295 -36.31 -2.23 -17.27
N TYR A 296 -36.32 -3.21 -18.19
CA TYR A 296 -35.89 -4.57 -17.85
C TYR A 296 -34.99 -5.13 -18.94
N ARG A 297 -33.86 -5.72 -18.49
CA ARG A 297 -32.86 -6.31 -19.36
C ARG A 297 -33.12 -7.81 -19.46
N VAL A 298 -33.48 -8.27 -20.67
CA VAL A 298 -33.88 -9.66 -20.89
C VAL A 298 -32.67 -10.57 -20.69
N ARG A 299 -32.83 -11.54 -19.78
CA ARG A 299 -31.81 -12.52 -19.47
C ARG A 299 -31.97 -13.73 -20.40
N SER A 300 -31.09 -14.72 -20.22
CA SER A 300 -31.23 -16.03 -20.82
C SER A 300 -32.24 -16.85 -20.02
N GLY A 301 -33.21 -17.46 -20.72
CA GLY A 301 -34.22 -18.28 -20.08
C GLY A 301 -35.50 -17.52 -19.77
N ASP A 302 -35.56 -16.24 -20.17
CA ASP A 302 -36.72 -15.41 -19.90
C ASP A 302 -37.74 -15.61 -21.03
N SER A 303 -39.03 -15.55 -20.67
CA SER A 303 -40.12 -15.34 -21.62
C SER A 303 -41.00 -14.18 -21.13
N LEU A 304 -41.88 -13.67 -22.01
CA LEU A 304 -42.91 -12.71 -21.60
C LEU A 304 -43.62 -13.22 -20.34
N HIS A 305 -43.99 -14.52 -20.35
CA HIS A 305 -44.72 -15.11 -19.25
C HIS A 305 -43.91 -15.04 -17.95
N SER A 306 -42.65 -15.48 -17.97
CA SER A 306 -41.86 -15.55 -16.74
C SER A 306 -41.64 -14.15 -16.17
N ILE A 307 -41.37 -13.19 -17.07
CA ILE A 307 -41.14 -11.79 -16.71
C ILE A 307 -42.42 -11.19 -16.11
N ALA A 308 -43.55 -11.40 -16.80
CA ALA A 308 -44.84 -10.91 -16.32
C ALA A 308 -45.12 -11.49 -14.93
N ASN A 309 -44.82 -12.78 -14.73
CA ASN A 309 -45.08 -13.44 -13.44
C ASN A 309 -44.24 -12.79 -12.34
N ARG A 310 -42.96 -12.52 -12.64
CA ARG A 310 -42.06 -11.92 -11.67
C ARG A 310 -42.56 -10.53 -11.24
N TYR A 311 -43.20 -9.77 -12.15
CA TYR A 311 -43.58 -8.40 -11.88
C TYR A 311 -45.05 -8.25 -11.51
N ARG A 312 -45.76 -9.39 -11.32
CA ARG A 312 -47.18 -9.39 -10.96
C ARG A 312 -48.00 -8.60 -11.98
N ILE A 313 -47.69 -8.82 -13.26
CA ILE A 313 -48.50 -8.27 -14.35
C ILE A 313 -48.88 -9.42 -15.28
N THR A 314 -49.73 -9.09 -16.28
CA THR A 314 -50.15 -10.05 -17.30
C THR A 314 -49.28 -9.91 -18.53
N VAL A 315 -49.18 -11.01 -19.29
CA VAL A 315 -48.53 -11.05 -20.58
C VAL A 315 -49.15 -9.99 -21.50
N ALA A 316 -50.49 -9.90 -21.48
CA ALA A 316 -51.16 -8.93 -22.35
C ALA A 316 -50.68 -7.52 -22.02
N GLU A 317 -50.61 -7.15 -20.73
CA GLU A 317 -50.18 -5.83 -20.30
C GLU A 317 -48.73 -5.57 -20.74
N LEU A 318 -47.90 -6.62 -20.65
CA LEU A 318 -46.48 -6.51 -20.97
C LEU A 318 -46.27 -6.29 -22.48
N LYS A 319 -47.09 -6.95 -23.32
CA LYS A 319 -47.00 -6.77 -24.78
C LYS A 319 -47.52 -5.39 -25.20
N SER A 320 -48.60 -4.94 -24.56
CA SER A 320 -49.17 -3.61 -24.73
C SER A 320 -48.15 -2.51 -24.44
N ALA A 321 -47.24 -2.75 -23.47
CA ALA A 321 -46.26 -1.76 -23.03
C ALA A 321 -45.01 -1.76 -23.91
N ASN A 322 -44.94 -2.67 -24.90
CA ASN A 322 -43.77 -2.78 -25.76
C ASN A 322 -44.22 -2.85 -27.21
N ARG A 323 -43.25 -2.89 -28.14
CA ARG A 323 -43.55 -2.86 -29.56
C ARG A 323 -42.82 -4.03 -30.24
N LEU A 324 -43.26 -5.23 -29.87
CA LEU A 324 -42.49 -6.44 -30.16
C LEU A 324 -42.75 -6.91 -31.60
N SER A 325 -41.65 -7.27 -32.29
CA SER A 325 -41.76 -7.94 -33.57
C SER A 325 -42.33 -9.34 -33.39
N SER A 326 -41.84 -10.05 -32.35
CA SER A 326 -42.35 -11.37 -32.00
C SER A 326 -42.34 -11.57 -30.49
N ASN A 327 -42.95 -12.69 -30.07
CA ASN A 327 -43.00 -13.12 -28.68
C ASN A 327 -41.63 -13.62 -28.21
N HIS A 328 -40.76 -14.04 -29.14
CA HIS A 328 -39.47 -14.64 -28.79
C HIS A 328 -38.50 -13.51 -28.44
N LEU A 329 -37.99 -13.54 -27.21
CA LEU A 329 -37.13 -12.49 -26.70
C LEU A 329 -35.66 -12.85 -26.94
N ARG A 330 -34.81 -11.81 -27.03
CA ARG A 330 -33.38 -11.98 -27.20
C ARG A 330 -32.66 -11.47 -25.95
N LYS A 331 -31.56 -12.15 -25.58
CA LYS A 331 -30.76 -11.79 -24.41
C LYS A 331 -30.22 -10.35 -24.58
N GLY A 332 -30.37 -9.52 -23.53
CA GLY A 332 -29.92 -8.14 -23.57
C GLY A 332 -30.96 -7.16 -24.15
N GLN A 333 -32.13 -7.67 -24.53
CA GLN A 333 -33.23 -6.85 -25.01
C GLN A 333 -33.81 -6.08 -23.83
N GLN A 334 -34.32 -4.88 -24.12
CA GLN A 334 -34.88 -3.99 -23.12
C GLN A 334 -36.40 -3.99 -23.22
N LEU A 335 -37.07 -4.18 -22.06
CA LEU A 335 -38.52 -4.11 -21.99
C LEU A 335 -38.94 -3.07 -20.95
N SER A 336 -39.98 -2.31 -21.31
CA SER A 336 -40.73 -1.53 -20.34
C SER A 336 -41.70 -2.43 -19.56
N ILE A 337 -41.62 -2.35 -18.23
CA ILE A 337 -42.53 -3.03 -17.33
C ILE A 337 -43.65 -2.05 -16.99
N PRO A 338 -44.93 -2.31 -17.35
CA PRO A 338 -46.05 -1.51 -16.83
C PRO A 338 -46.31 -1.73 -15.33
N HIS B 5 -3.80 23.58 14.67
CA HIS B 5 -2.40 23.34 15.13
C HIS B 5 -1.94 21.96 14.66
N HIS B 6 -2.87 21.00 14.52
CA HIS B 6 -2.57 19.67 13.98
C HIS B 6 -2.98 19.56 12.51
N HIS B 7 -2.10 19.03 11.65
CA HIS B 7 -2.35 19.11 10.23
C HIS B 7 -3.46 18.13 9.83
N HIS B 8 -4.17 18.52 8.77
CA HIS B 8 -5.17 17.73 8.08
C HIS B 8 -4.68 16.31 7.81
N HIS B 9 -5.52 15.33 8.12
CA HIS B 9 -5.37 13.96 7.65
C HIS B 9 -6.31 13.77 6.47
N HIS B 10 -5.79 13.32 5.33
CA HIS B 10 -6.54 13.28 4.09
C HIS B 10 -7.46 12.06 4.08
N SER B 11 -8.68 12.23 3.57
CA SER B 11 -9.60 11.12 3.32
C SER B 11 -9.75 10.93 1.81
N SER B 12 -9.77 9.69 1.36
CA SER B 12 -9.97 9.36 -0.04
C SER B 12 -11.35 9.83 -0.52
N GLY B 13 -12.27 10.05 0.42
CA GLY B 13 -13.59 10.59 0.11
C GLY B 13 -13.54 11.99 -0.44
N GLU B 14 -12.42 12.70 -0.24
CA GLU B 14 -12.27 14.05 -0.78
C GLU B 14 -11.94 14.04 -2.27
N ASN B 15 -11.48 12.91 -2.78
CA ASN B 15 -10.69 12.88 -4.01
C ASN B 15 -11.50 13.27 -5.23
N LEU B 16 -12.77 12.88 -5.26
CA LEU B 16 -13.60 13.20 -6.41
C LEU B 16 -13.85 14.70 -6.54
N TYR B 17 -13.60 15.51 -5.50
CA TYR B 17 -13.90 16.93 -5.54
C TYR B 17 -12.73 17.76 -6.00
N PHE B 18 -11.55 17.17 -6.25
CA PHE B 18 -10.46 17.99 -6.75
C PHE B 18 -10.53 18.08 -8.27
N GLN B 19 -10.13 19.23 -8.83
CA GLN B 19 -10.32 19.42 -10.26
C GLN B 19 -9.03 19.09 -11.03
N GLY B 20 -8.02 18.57 -10.34
CA GLY B 20 -6.73 18.34 -10.95
C GLY B 20 -5.70 18.03 -9.86
N ILE B 21 -4.48 17.70 -10.27
CA ILE B 21 -3.52 17.18 -9.31
C ILE B 21 -3.02 18.33 -8.44
N TRP B 22 -2.97 19.56 -8.98
CA TRP B 22 -2.43 20.68 -8.25
C TRP B 22 -3.35 21.06 -7.09
N ASP B 23 -4.65 21.04 -7.34
CA ASP B 23 -5.67 21.28 -6.34
C ASP B 23 -5.55 20.23 -5.23
N ARG B 24 -5.36 18.98 -5.63
CA ARG B 24 -5.26 17.90 -4.67
C ARG B 24 -3.99 18.07 -3.84
N MET B 25 -2.88 18.36 -4.49
CA MET B 25 -1.60 18.50 -3.82
C MET B 25 -1.67 19.59 -2.75
N ARG B 26 -2.17 20.79 -3.11
CA ARG B 26 -2.29 21.91 -2.19
C ARG B 26 -3.03 21.57 -0.91
N ASP B 27 -4.07 20.73 -1.03
CA ASP B 27 -4.87 20.25 0.08
C ASP B 27 -4.00 19.67 1.20
N GLY B 28 -2.82 19.14 0.85
CA GLY B 28 -1.97 18.48 1.84
C GLY B 28 -0.71 19.27 2.20
N PHE B 29 -0.61 20.52 1.75
CA PHE B 29 0.52 21.35 2.08
C PHE B 29 0.53 21.60 3.58
N GLN B 30 1.71 21.46 4.19
CA GLN B 30 1.83 21.65 5.64
C GLN B 30 2.84 22.73 6.03
N LEU B 31 3.55 23.31 5.06
CA LEU B 31 4.68 24.19 5.38
C LEU B 31 4.35 25.67 5.12
N GLN B 32 3.15 25.98 4.61
CA GLN B 32 2.92 27.33 4.07
C GLN B 32 2.76 28.34 5.18
N ASP B 33 2.09 27.94 6.28
CA ASP B 33 1.76 28.85 7.37
C ASP B 33 3.04 29.40 8.02
N ALA B 34 4.03 28.52 8.24
CA ALA B 34 5.21 28.87 9.02
C ALA B 34 6.30 29.48 8.14
N ILE B 35 6.08 29.62 6.83
CA ILE B 35 6.99 30.42 6.02
C ILE B 35 6.93 31.85 6.56
N SER B 36 7.92 32.67 6.20
CA SER B 36 7.79 34.12 6.32
C SER B 36 8.86 34.78 5.44
N THR B 37 8.70 36.09 5.26
CA THR B 37 9.56 36.83 4.37
C THR B 37 10.99 36.43 4.68
N ASN B 38 11.72 36.03 3.64
CA ASN B 38 13.16 35.89 3.73
C ASN B 38 13.68 36.22 2.34
N PRO B 39 14.69 37.10 2.22
CA PRO B 39 15.25 37.44 0.90
C PRO B 39 15.65 36.18 0.13
N ARG B 40 16.02 35.13 0.87
CA ARG B 40 16.50 33.89 0.25
C ARG B 40 15.38 33.21 -0.53
N ILE B 41 14.14 33.30 -0.04
CA ILE B 41 12.98 32.71 -0.68
C ILE B 41 12.59 33.55 -1.90
N GLU B 42 12.50 34.89 -1.70
CA GLU B 42 12.18 35.83 -2.78
C GLU B 42 13.11 35.59 -3.97
N ARG B 43 14.40 35.51 -3.71
CA ARG B 43 15.42 35.27 -4.73
C ARG B 43 15.09 34.02 -5.55
N GLN B 44 14.66 32.94 -4.89
CA GLN B 44 14.41 31.70 -5.62
C GLN B 44 13.11 31.84 -6.41
N ARG B 45 12.12 32.47 -5.81
CA ARG B 45 10.82 32.66 -6.44
C ARG B 45 10.98 33.45 -7.74
N LEU B 46 11.80 34.52 -7.68
CA LEU B 46 12.04 35.34 -8.85
C LEU B 46 12.69 34.50 -9.95
N TRP B 47 13.61 33.58 -9.59
CA TRP B 47 14.20 32.70 -10.60
C TRP B 47 13.09 31.92 -11.32
N PHE B 48 12.17 31.33 -10.57
CA PHE B 48 11.09 30.54 -11.17
C PHE B 48 10.19 31.41 -12.06
N LEU B 49 9.83 32.61 -11.58
CA LEU B 49 9.01 33.53 -12.36
C LEU B 49 9.73 33.94 -13.65
N SER B 50 11.07 34.07 -13.60
CA SER B 50 11.82 34.50 -14.77
C SER B 50 12.21 33.34 -15.69
N ASN B 51 12.03 32.10 -15.23
CA ASN B 51 12.39 30.92 -16.00
C ASN B 51 11.22 29.93 -15.96
N GLN B 52 10.12 30.31 -16.59
CA GLN B 52 8.88 29.56 -16.46
C GLN B 52 8.94 28.19 -17.12
N SER B 53 9.77 28.00 -18.14
CA SER B 53 9.68 26.77 -18.91
C SER B 53 10.22 25.60 -18.08
N PHE B 54 10.97 25.91 -17.02
CA PHE B 54 11.54 24.89 -16.17
C PHE B 54 10.42 24.11 -15.46
N LEU B 55 9.51 24.82 -14.78
CA LEU B 55 8.39 24.21 -14.07
C LEU B 55 7.44 23.60 -15.09
N GLU B 56 7.29 24.24 -16.25
N GLU B 56 7.27 24.25 -16.24
CA GLU B 56 6.40 23.72 -17.28
CA GLU B 56 6.40 23.70 -17.27
C GLU B 56 6.88 22.36 -17.78
C GLU B 56 6.89 22.33 -17.73
N GLN B 57 8.18 22.24 -18.06
CA GLN B 57 8.72 20.98 -18.58
C GLN B 57 8.81 19.93 -17.49
N SER B 58 9.11 20.34 -16.27
CA SER B 58 9.11 19.43 -15.13
C SER B 58 7.69 18.89 -14.90
N SER B 59 6.68 19.74 -15.08
CA SER B 59 5.30 19.33 -14.91
C SER B 59 4.86 18.35 -15.99
N ALA B 60 5.24 18.59 -17.24
CA ALA B 60 4.83 17.70 -18.33
C ALA B 60 5.36 16.31 -18.06
N ARG B 61 6.66 16.25 -17.69
CA ARG B 61 7.33 14.99 -17.39
C ARG B 61 6.73 14.42 -16.12
N GLY B 62 6.44 15.30 -15.16
CA GLY B 62 5.88 14.96 -13.87
C GLY B 62 4.48 14.34 -13.94
N SER B 63 3.70 14.64 -14.98
CA SER B 63 2.37 14.10 -15.08
C SER B 63 2.36 12.58 -15.08
N LEU B 64 3.47 11.94 -15.43
CA LEU B 64 3.52 10.49 -15.37
C LEU B 64 3.54 10.01 -13.91
N TYR B 65 4.11 10.81 -13.01
CA TYR B 65 4.56 10.30 -11.71
C TYR B 65 3.83 10.94 -10.52
N MET B 66 3.22 12.09 -10.73
CA MET B 66 2.88 12.97 -9.63
C MET B 66 1.72 12.42 -8.81
N HIS B 67 0.73 11.80 -9.48
CA HIS B 67 -0.39 11.19 -8.78
C HIS B 67 0.09 10.14 -7.76
N TYR B 68 1.05 9.32 -8.20
CA TYR B 68 1.62 8.29 -7.36
C TYR B 68 2.29 8.90 -6.13
N VAL B 69 3.10 9.94 -6.33
CA VAL B 69 3.86 10.54 -5.26
C VAL B 69 2.92 11.20 -4.25
N VAL B 70 1.91 11.91 -4.75
CA VAL B 70 0.91 12.54 -3.90
C VAL B 70 0.21 11.51 -3.03
N GLU B 71 -0.22 10.38 -3.61
CA GLU B 71 -0.92 9.39 -2.82
C GLU B 71 -0.02 8.80 -1.71
N ARG B 72 1.26 8.61 -1.99
CA ARG B 72 2.15 8.07 -0.96
C ARG B 72 2.32 9.07 0.17
N LEU B 73 2.48 10.37 -0.17
CA LEU B 73 2.63 11.41 0.82
C LEU B 73 1.38 11.53 1.70
N GLU B 74 0.21 11.50 1.06
CA GLU B 74 -1.07 11.56 1.77
C GLU B 74 -1.21 10.40 2.79
N GLU B 75 -0.92 9.18 2.36
CA GLU B 75 -1.05 7.98 3.20
C GLU B 75 -0.19 8.07 4.46
N ARG B 76 0.97 8.72 4.36
CA ARG B 76 1.87 8.89 5.48
C ARG B 76 1.66 10.21 6.23
N ASN B 77 0.74 11.07 5.76
CA ASN B 77 0.45 12.35 6.38
C ASN B 77 1.69 13.22 6.38
N MET B 78 2.49 13.16 5.32
CA MET B 78 3.67 13.99 5.18
C MET B 78 3.33 15.23 4.37
N PRO B 79 4.12 16.34 4.49
CA PRO B 79 3.89 17.54 3.70
C PRO B 79 3.83 17.30 2.20
N LEU B 80 2.73 17.74 1.57
CA LEU B 80 2.57 17.55 0.14
C LEU B 80 3.54 18.43 -0.65
N GLU B 81 4.16 19.40 0.00
CA GLU B 81 5.21 20.15 -0.68
C GLU B 81 6.31 19.21 -1.16
N LEU B 82 6.48 18.04 -0.53
CA LEU B 82 7.52 17.11 -0.96
C LEU B 82 7.25 16.53 -2.34
N ALA B 83 6.02 16.64 -2.82
CA ALA B 83 5.68 16.19 -4.16
C ALA B 83 6.36 17.08 -5.20
N LEU B 84 6.88 18.24 -4.76
CA LEU B 84 7.64 19.13 -5.63
C LEU B 84 9.14 18.88 -5.49
N LEU B 85 9.57 18.08 -4.52
CA LEU B 85 10.99 17.87 -4.33
C LEU B 85 11.61 17.28 -5.59
N PRO B 86 10.99 16.33 -6.32
CA PRO B 86 11.58 15.88 -7.58
C PRO B 86 11.74 16.99 -8.64
N VAL B 87 10.91 18.02 -8.57
CA VAL B 87 11.06 19.12 -9.51
C VAL B 87 12.44 19.73 -9.29
N ILE B 88 12.77 20.05 -8.04
CA ILE B 88 14.03 20.75 -7.82
C ILE B 88 15.20 19.79 -7.88
N GLU B 89 14.99 18.50 -7.63
CA GLU B 89 16.06 17.52 -7.62
C GLU B 89 16.43 17.08 -9.05
N SER B 90 15.42 16.86 -9.90
CA SER B 90 15.61 16.11 -11.13
C SER B 90 14.75 16.60 -12.30
N ALA B 91 13.98 17.68 -12.12
CA ALA B 91 12.99 18.11 -13.10
C ALA B 91 12.03 16.97 -13.44
N TYR B 92 11.74 16.11 -12.44
CA TYR B 92 10.93 14.91 -12.60
C TYR B 92 11.44 14.03 -13.76
N ASN B 93 12.75 14.02 -13.96
CA ASN B 93 13.40 13.18 -14.96
C ASN B 93 14.14 12.05 -14.26
N PRO B 94 13.63 10.80 -14.29
CA PRO B 94 14.24 9.73 -13.51
C PRO B 94 15.61 9.32 -14.05
N PHE B 95 15.95 9.77 -15.28
CA PHE B 95 17.27 9.46 -15.84
C PHE B 95 18.36 10.43 -15.40
N ALA B 96 18.00 11.56 -14.78
CA ALA B 96 18.94 12.54 -14.28
C ALA B 96 20.02 11.90 -13.41
N LEU B 97 21.28 12.31 -13.66
CA LEU B 97 22.43 11.79 -12.94
C LEU B 97 23.37 12.95 -12.64
N SER B 98 23.57 13.26 -11.35
CA SER B 98 24.40 14.39 -10.95
C SER B 98 25.87 13.99 -11.00
N ARG B 99 26.75 14.94 -10.71
CA ARG B 99 28.18 14.66 -10.60
C ARG B 99 28.51 13.82 -9.37
N SER B 100 27.63 13.84 -8.34
CA SER B 100 27.74 12.94 -7.19
C SER B 100 27.26 11.55 -7.56
N ASN B 101 26.80 11.36 -8.80
CA ASN B 101 26.11 10.15 -9.19
C ASN B 101 24.80 9.99 -8.43
N ALA B 102 24.12 11.12 -8.15
CA ALA B 102 22.76 11.08 -7.66
C ALA B 102 21.84 10.66 -8.80
N ALA B 103 21.00 9.64 -8.59
CA ALA B 103 20.17 9.08 -9.64
C ALA B 103 18.67 9.08 -9.28
N GLY B 104 17.84 9.15 -10.32
CA GLY B 104 16.40 9.00 -10.23
C GLY B 104 15.70 10.28 -9.77
N LEU B 105 14.39 10.18 -9.65
CA LEU B 105 13.53 11.31 -9.33
C LEU B 105 14.00 11.97 -8.05
N TRP B 106 14.47 11.14 -7.09
CA TRP B 106 14.78 11.60 -5.75
C TRP B 106 16.28 11.83 -5.52
N GLN B 107 17.11 11.53 -6.53
CA GLN B 107 18.54 11.83 -6.54
C GLN B 107 19.23 11.18 -5.34
N PHE B 108 19.12 9.87 -5.27
CA PHE B 108 19.91 9.08 -4.34
C PHE B 108 21.33 8.89 -4.88
N ILE B 109 22.34 9.24 -4.06
CA ILE B 109 23.72 8.84 -4.33
C ILE B 109 23.87 7.35 -4.11
N PRO B 110 24.90 6.70 -4.70
CA PRO B 110 25.05 5.24 -4.60
C PRO B 110 25.05 4.71 -3.17
N ALA B 111 25.77 5.36 -2.25
CA ALA B 111 25.87 4.86 -0.89
C ALA B 111 24.52 4.93 -0.16
N THR B 112 23.78 6.02 -0.36
CA THR B 112 22.50 6.20 0.28
C THR B 112 21.50 5.23 -0.32
N GLY B 113 21.55 5.06 -1.65
CA GLY B 113 20.72 4.07 -2.31
C GLY B 113 20.96 2.67 -1.78
N GLN B 114 22.24 2.34 -1.54
CA GLN B 114 22.59 1.04 -0.97
C GLN B 114 22.04 0.92 0.46
N HIS B 115 22.14 1.98 1.25
CA HIS B 115 21.56 1.94 2.60
C HIS B 115 20.10 1.50 2.52
N PHE B 116 19.34 2.07 1.56
CA PHE B 116 17.91 1.75 1.43
C PHE B 116 17.66 0.52 0.55
N ASN B 117 18.70 -0.27 0.27
CA ASN B 117 18.59 -1.52 -0.48
C ASN B 117 17.98 -1.28 -1.87
N LEU B 118 18.36 -0.17 -2.50
CA LEU B 118 18.03 0.09 -3.88
C LEU B 118 19.16 -0.48 -4.72
N ARG B 119 18.97 -1.71 -5.22
CA ARG B 119 20.02 -2.49 -5.84
C ARG B 119 20.44 -1.87 -7.15
N GLN B 120 21.72 -2.09 -7.48
CA GLN B 120 22.34 -1.49 -8.65
C GLN B 120 23.06 -2.63 -9.40
N THR B 121 22.50 -3.03 -10.56
CA THR B 121 23.12 -4.04 -11.41
C THR B 121 23.16 -3.50 -12.83
N ASN B 122 23.73 -4.29 -13.76
CA ASN B 122 23.74 -3.95 -15.17
C ASN B 122 22.32 -3.91 -15.73
N PHE B 123 21.36 -4.64 -15.13
CA PHE B 123 20.00 -4.70 -15.64
C PHE B 123 19.04 -3.75 -14.92
N TYR B 124 19.36 -3.32 -13.69
CA TYR B 124 18.40 -2.68 -12.81
C TYR B 124 19.07 -1.70 -11.86
N ASP B 125 18.53 -0.48 -11.80
CA ASP B 125 18.97 0.49 -10.81
C ASP B 125 17.75 0.93 -9.99
N GLY B 126 17.66 0.46 -8.76
CA GLY B 126 16.53 0.72 -7.90
C GLY B 126 16.30 2.20 -7.67
N ARG B 127 17.36 3.02 -7.76
CA ARG B 127 17.25 4.44 -7.51
C ARG B 127 16.34 5.12 -8.55
N ARG B 128 16.30 4.55 -9.77
CA ARG B 128 15.46 5.06 -10.85
C ARG B 128 14.05 4.52 -10.73
N ASP B 129 13.87 3.34 -10.13
CA ASP B 129 12.58 2.71 -9.94
C ASP B 129 11.63 3.69 -9.23
N ILE B 130 10.50 4.02 -9.89
CA ILE B 130 9.60 5.06 -9.42
C ILE B 130 9.07 4.70 -8.02
N THR B 131 8.51 3.49 -7.86
CA THR B 131 7.86 3.14 -6.61
C THR B 131 8.89 2.90 -5.50
N ALA B 132 9.98 2.19 -5.81
CA ALA B 132 10.98 1.86 -4.79
C ALA B 132 11.73 3.10 -4.33
N SER B 133 12.08 4.01 -5.25
CA SER B 133 12.84 5.18 -4.85
C SER B 133 11.93 6.19 -4.10
N THR B 134 10.67 6.30 -4.53
CA THR B 134 9.71 7.14 -3.83
C THR B 134 9.51 6.67 -2.39
N ASN B 135 9.25 5.38 -2.17
CA ASN B 135 9.05 4.90 -0.81
C ASN B 135 10.33 5.07 0.02
N ALA B 136 11.51 4.85 -0.57
CA ALA B 136 12.76 5.04 0.17
C ALA B 136 13.00 6.52 0.51
N ALA B 137 12.67 7.41 -0.40
CA ALA B 137 12.88 8.83 -0.18
C ALA B 137 11.97 9.31 0.96
N LEU B 138 10.69 8.86 0.95
CA LEU B 138 9.78 9.30 1.99
C LEU B 138 10.23 8.74 3.35
N THR B 139 10.72 7.50 3.38
CA THR B 139 11.24 6.91 4.62
C THR B 139 12.46 7.70 5.12
N TYR B 140 13.36 8.05 4.19
CA TYR B 140 14.54 8.82 4.56
C TYR B 140 14.15 10.19 5.11
N LEU B 141 13.24 10.89 4.43
CA LEU B 141 12.80 12.19 4.90
C LEU B 141 12.14 12.11 6.26
N GLU B 142 11.29 11.09 6.48
CA GLU B 142 10.65 10.89 7.78
C GLU B 142 11.71 10.70 8.87
N ARG B 143 12.70 9.87 8.58
CA ARG B 143 13.75 9.54 9.53
C ARG B 143 14.57 10.80 9.87
N LEU B 144 14.89 11.58 8.85
CA LEU B 144 15.63 12.83 9.07
C LEU B 144 14.83 13.83 9.90
N HIS B 145 13.53 13.91 9.60
CA HIS B 145 12.62 14.74 10.35
C HIS B 145 12.60 14.30 11.82
N ASP B 146 12.58 13.01 12.06
CA ASP B 146 12.56 12.47 13.43
C ASP B 146 13.88 12.77 14.15
N MET B 147 15.02 12.77 13.43
CA MET B 147 16.32 13.05 14.03
C MET B 147 16.44 14.52 14.43
N PHE B 148 15.74 15.42 13.72
CA PHE B 148 15.80 16.83 14.01
C PHE B 148 14.54 17.31 14.71
N ASN B 149 13.95 16.46 15.55
CA ASN B 149 12.84 16.80 16.44
C ASN B 149 11.67 17.41 15.71
N GLY B 150 11.33 16.83 14.54
CA GLY B 150 10.16 17.24 13.81
C GLY B 150 10.36 18.46 12.93
N ASP B 151 11.61 18.92 12.72
CA ASP B 151 11.86 20.12 11.93
C ASP B 151 12.08 19.76 10.47
N TRP B 152 11.11 20.09 9.59
CA TRP B 152 11.19 19.75 8.18
C TRP B 152 12.28 20.53 7.47
N MET B 153 12.61 21.75 7.92
CA MET B 153 13.63 22.54 7.26
C MET B 153 14.99 21.84 7.43
N LEU B 154 15.27 21.39 8.66
CA LEU B 154 16.55 20.73 8.91
C LEU B 154 16.58 19.37 8.20
N ALA B 155 15.44 18.68 8.18
CA ALA B 155 15.35 17.42 7.48
C ALA B 155 15.69 17.58 5.98
N LEU B 156 15.12 18.59 5.33
CA LEU B 156 15.40 18.83 3.92
C LEU B 156 16.88 19.17 3.75
N ALA B 157 17.42 20.00 4.64
CA ALA B 157 18.83 20.37 4.58
C ALA B 157 19.69 19.10 4.64
N ALA B 158 19.37 18.18 5.56
CA ALA B 158 20.14 16.96 5.73
C ALA B 158 19.94 16.02 4.54
N TYR B 159 18.77 16.04 3.88
CA TYR B 159 18.54 15.21 2.71
C TYR B 159 19.54 15.59 1.61
N ASN B 160 19.78 16.90 1.49
CA ASN B 160 20.72 17.44 0.51
C ASN B 160 22.17 17.29 0.95
N ALA B 161 22.48 17.61 2.22
CA ALA B 161 23.87 17.78 2.63
C ALA B 161 24.34 16.60 3.45
N GLY B 162 23.42 15.82 4.00
CA GLY B 162 23.78 14.76 4.92
C GLY B 162 23.54 15.17 6.36
N GLU B 163 23.14 14.21 7.17
CA GLU B 163 22.79 14.46 8.56
C GLU B 163 24.02 14.98 9.32
N GLY B 164 25.17 14.38 9.05
CA GLY B 164 26.46 14.81 9.59
C GLY B 164 26.77 16.29 9.34
N THR B 165 26.73 16.72 8.08
CA THR B 165 27.02 18.10 7.72
C THR B 165 26.09 19.06 8.47
N VAL B 166 24.81 18.72 8.55
CA VAL B 166 23.87 19.58 9.25
C VAL B 166 24.19 19.63 10.76
N SER B 167 24.46 18.47 11.35
CA SER B 167 24.72 18.37 12.79
C SER B 167 25.99 19.14 13.18
N ARG B 168 27.02 19.11 12.32
CA ARG B 168 28.24 19.84 12.56
C ARG B 168 28.04 21.35 12.40
N ALA B 169 27.17 21.75 11.47
CA ALA B 169 26.85 23.16 11.32
C ALA B 169 26.12 23.65 12.56
N ILE B 170 25.24 22.81 13.11
CA ILE B 170 24.55 23.13 14.34
C ILE B 170 25.60 23.35 15.44
N GLU B 171 26.58 22.43 15.53
CA GLU B 171 27.63 22.48 16.53
C GLU B 171 28.41 23.78 16.45
N ARG B 172 28.82 24.16 15.25
CA ARG B 172 29.57 25.39 15.03
C ARG B 172 28.77 26.59 15.57
N ASN B 173 27.48 26.69 15.20
CA ASN B 173 26.68 27.77 15.72
C ASN B 173 26.52 27.67 17.24
N GLU B 174 26.38 26.46 17.77
CA GLU B 174 26.23 26.30 19.19
C GLU B 174 27.47 26.85 19.91
N LYS B 175 28.66 26.54 19.39
CA LYS B 175 29.91 27.02 19.98
C LYS B 175 29.95 28.55 19.98
N LEU B 176 29.49 29.17 18.89
CA LEU B 176 29.47 30.61 18.76
C LEU B 176 28.35 31.23 19.60
N GLY B 177 27.44 30.41 20.15
CA GLY B 177 26.24 30.92 20.81
C GLY B 177 25.22 31.54 19.87
N LEU B 178 25.17 31.11 18.60
CA LEU B 178 24.19 31.60 17.63
C LEU B 178 23.01 30.62 17.56
N PRO B 179 21.81 31.07 17.12
CA PRO B 179 20.67 30.17 17.00
C PRO B 179 20.99 29.07 15.98
N THR B 180 20.31 27.93 16.15
CA THR B 180 20.66 26.72 15.41
C THR B 180 19.52 26.26 14.50
N ASP B 181 18.54 27.12 14.20
CA ASP B 181 17.55 26.81 13.19
C ASP B 181 18.22 26.87 11.82
N TYR B 182 17.61 26.18 10.84
CA TYR B 182 18.17 26.06 9.50
C TYR B 182 18.64 27.40 8.95
N TRP B 183 17.83 28.46 9.09
CA TRP B 183 18.08 29.72 8.41
C TRP B 183 19.38 30.36 8.90
N ASN B 184 19.85 29.98 10.10
CA ASN B 184 21.04 30.57 10.69
C ASN B 184 22.26 29.68 10.51
N LEU B 185 22.15 28.51 9.89
CA LEU B 185 23.28 27.59 9.84
C LEU B 185 24.23 27.91 8.69
N PRO B 186 25.56 27.78 8.92
CA PRO B 186 26.57 27.87 7.86
C PRO B 186 26.74 26.56 7.09
N LEU B 187 25.98 26.44 6.00
CA LEU B 187 25.90 25.23 5.21
C LEU B 187 26.45 25.50 3.82
N PRO B 188 26.84 24.46 3.04
CA PRO B 188 27.24 24.65 1.65
C PRO B 188 26.18 25.40 0.86
N GLN B 189 26.61 26.12 -0.18
CA GLN B 189 25.71 27.04 -0.87
C GLN B 189 24.50 26.30 -1.46
N GLU B 190 24.73 25.10 -1.99
CA GLU B 190 23.67 24.29 -2.60
C GLU B 190 22.55 24.05 -1.60
N THR B 191 22.95 23.78 -0.35
CA THR B 191 22.05 23.49 0.77
C THR B 191 21.36 24.77 1.24
N GLN B 192 22.09 25.90 1.21
CA GLN B 192 21.50 27.19 1.56
C GLN B 192 20.39 27.55 0.58
N ASP B 193 20.52 27.12 -0.67
CA ASP B 193 19.56 27.45 -1.71
C ASP B 193 18.41 26.43 -1.72
N TYR B 194 18.68 25.21 -1.22
CA TYR B 194 17.80 24.07 -1.40
C TYR B 194 16.44 24.29 -0.75
N VAL B 195 16.44 24.62 0.54
CA VAL B 195 15.18 24.81 1.26
C VAL B 195 14.39 26.00 0.69
N PRO B 196 14.96 27.21 0.53
CA PRO B 196 14.17 28.32 -0.01
C PRO B 196 13.67 28.06 -1.44
N LYS B 197 14.42 27.28 -2.21
CA LYS B 197 13.98 26.87 -3.52
C LYS B 197 12.68 26.08 -3.44
N LEU B 198 12.63 25.06 -2.57
CA LEU B 198 11.42 24.26 -2.45
C LEU B 198 10.28 25.13 -1.93
N LEU B 199 10.56 26.00 -0.96
CA LEU B 199 9.50 26.81 -0.37
C LEU B 199 8.95 27.78 -1.41
N ALA B 200 9.85 28.41 -2.16
CA ALA B 200 9.47 29.35 -3.20
C ALA B 200 8.57 28.66 -4.20
N LEU B 201 8.98 27.47 -4.66
CA LEU B 201 8.20 26.75 -5.64
C LEU B 201 6.83 26.41 -5.08
N SER B 202 6.77 26.04 -3.81
CA SER B 202 5.52 25.63 -3.20
C SER B 202 4.56 26.82 -3.06
N GLN B 203 5.11 28.02 -2.84
CA GLN B 203 4.29 29.23 -2.78
C GLN B 203 3.61 29.51 -4.11
N ILE B 204 4.33 29.29 -5.22
CA ILE B 204 3.77 29.51 -6.54
C ILE B 204 2.70 28.46 -6.83
N VAL B 205 3.01 27.20 -6.54
CA VAL B 205 2.05 26.13 -6.73
C VAL B 205 0.81 26.37 -5.90
N MET B 206 0.95 26.95 -4.70
CA MET B 206 -0.16 27.17 -3.79
C MET B 206 -1.17 28.17 -4.37
N ALA B 207 -0.68 29.21 -5.04
CA ALA B 207 -1.53 30.30 -5.50
C ALA B 207 -0.94 30.86 -6.78
N PRO B 208 -0.99 30.11 -7.90
CA PRO B 208 -0.27 30.51 -9.11
C PRO B 208 -0.86 31.78 -9.74
N ASP B 209 -2.17 31.95 -9.63
CA ASP B 209 -2.85 33.16 -10.08
C ASP B 209 -2.24 34.40 -9.42
N SER B 210 -1.90 34.34 -8.14
N SER B 210 -1.89 34.31 -8.13
CA SER B 210 -1.37 35.51 -7.44
CA SER B 210 -1.34 35.44 -7.37
C SER B 210 0.00 35.93 -7.98
C SER B 210 0.05 35.86 -7.87
N TYR B 211 0.62 35.09 -8.81
CA TYR B 211 1.92 35.33 -9.42
C TYR B 211 1.80 35.46 -10.94
N GLY B 212 0.56 35.47 -11.45
CA GLY B 212 0.28 35.50 -12.87
C GLY B 212 0.80 34.28 -13.63
N ILE B 213 0.88 33.12 -12.95
CA ILE B 213 1.36 31.87 -13.52
C ILE B 213 0.14 30.98 -13.76
N SER B 214 0.17 30.20 -14.84
CA SER B 214 -0.79 29.15 -15.07
C SER B 214 -0.03 27.81 -15.10
N LEU B 215 -0.44 26.84 -14.26
CA LEU B 215 0.28 25.56 -14.18
C LEU B 215 -0.22 24.66 -15.31
N ASN B 216 0.63 23.72 -15.75
CA ASN B 216 0.15 22.75 -16.74
C ASN B 216 -1.04 21.99 -16.13
N PRO B 217 -2.19 21.89 -16.83
CA PRO B 217 -3.29 21.06 -16.37
C PRO B 217 -2.86 19.59 -16.29
N ILE B 218 -3.01 19.00 -15.10
CA ILE B 218 -2.83 17.57 -14.91
C ILE B 218 -4.02 17.05 -14.13
N ASN B 219 -4.67 16.01 -14.67
CA ASN B 219 -5.87 15.47 -14.08
C ASN B 219 -5.53 14.72 -12.79
N ASN B 220 -6.55 14.60 -11.93
CA ASN B 220 -6.47 13.91 -10.65
C ASN B 220 -6.85 12.45 -10.84
N GLU B 221 -6.10 11.76 -11.71
CA GLU B 221 -6.35 10.38 -12.02
C GLU B 221 -5.00 9.69 -12.06
N PRO B 222 -4.95 8.38 -11.81
CA PRO B 222 -3.70 7.64 -11.91
C PRO B 222 -3.30 7.67 -13.37
N TYR B 223 -1.99 7.76 -13.61
CA TYR B 223 -1.46 7.66 -14.95
C TYR B 223 -1.19 6.21 -15.31
N PHE B 224 -0.70 5.44 -14.33
CA PHE B 224 -0.28 4.07 -14.57
C PHE B 224 -0.90 3.09 -13.58
N GLN B 225 -0.80 1.81 -13.91
N GLN B 225 -0.78 1.80 -13.91
CA GLN B 225 -1.18 0.73 -13.02
CA GLN B 225 -1.22 0.67 -13.13
C GLN B 225 -0.03 -0.28 -13.01
C GLN B 225 -0.03 -0.29 -13.02
N ALA B 226 0.27 -0.81 -11.83
CA ALA B 226 1.28 -1.84 -11.70
C ALA B 226 0.68 -3.16 -12.21
N VAL B 227 1.45 -3.89 -13.01
CA VAL B 227 1.08 -5.19 -13.51
C VAL B 227 2.18 -6.19 -13.10
N ARG B 228 1.75 -7.27 -12.44
CA ARG B 228 2.67 -8.35 -12.10
C ARG B 228 3.16 -9.02 -13.39
N VAL B 229 4.47 -9.22 -13.49
CA VAL B 229 5.11 -9.69 -14.70
C VAL B 229 6.25 -10.62 -14.28
N LYS B 230 6.48 -11.70 -15.03
CA LYS B 230 7.63 -12.56 -14.83
C LYS B 230 8.89 -11.84 -15.31
N ARG B 231 10.04 -12.35 -14.87
CA ARG B 231 11.32 -11.83 -15.35
C ARG B 231 11.51 -12.23 -16.81
N GLY B 232 12.29 -11.44 -17.54
CA GLY B 232 12.73 -11.78 -18.88
C GLY B 232 11.75 -11.37 -19.98
N ILE B 233 10.91 -10.36 -19.70
CA ILE B 233 10.14 -9.73 -20.76
C ILE B 233 10.94 -8.54 -21.27
N ASP B 234 10.96 -8.29 -22.58
CA ASP B 234 11.56 -7.02 -22.95
C ASP B 234 10.45 -6.03 -23.25
N LEU B 235 10.76 -4.75 -23.01
CA LEU B 235 9.79 -3.67 -23.15
C LEU B 235 9.29 -3.55 -24.60
N SER B 236 10.17 -3.85 -25.58
CA SER B 236 9.77 -3.90 -26.98
C SER B 236 8.58 -4.83 -27.20
N SER B 237 8.69 -6.01 -26.62
CA SER B 237 7.66 -7.03 -26.77
C SER B 237 6.34 -6.55 -26.18
N VAL B 238 6.42 -5.86 -25.03
CA VAL B 238 5.21 -5.41 -24.38
C VAL B 238 4.58 -4.30 -25.21
N ALA B 239 5.43 -3.41 -25.72
CA ALA B 239 4.98 -2.33 -26.57
C ALA B 239 4.24 -2.88 -27.78
N ALA B 240 4.77 -3.93 -28.41
CA ALA B 240 4.15 -4.45 -29.63
C ALA B 240 2.83 -5.13 -29.26
N LEU B 241 2.84 -5.90 -28.18
CA LEU B 241 1.68 -6.62 -27.69
C LEU B 241 0.52 -5.67 -27.43
N ALA B 242 0.77 -4.49 -26.86
CA ALA B 242 -0.33 -3.62 -26.48
C ALA B 242 -0.43 -2.37 -27.35
N ASN B 243 0.34 -2.29 -28.44
CA ASN B 243 0.43 -1.07 -29.23
C ASN B 243 0.69 0.17 -28.38
N LEU B 244 1.71 0.08 -27.50
CA LEU B 244 2.24 1.18 -26.70
C LEU B 244 3.51 1.73 -27.33
N ASP B 245 3.82 2.98 -27.01
CA ASP B 245 5.12 3.55 -27.33
C ASP B 245 6.14 2.95 -26.35
N GLU B 246 7.18 2.31 -26.88
CA GLU B 246 8.21 1.70 -26.06
C GLU B 246 8.89 2.71 -25.14
N ASP B 247 9.10 3.92 -25.65
CA ASP B 247 9.77 4.96 -24.88
C ASP B 247 8.94 5.33 -23.66
N GLU B 248 7.61 5.38 -23.79
CA GLU B 248 6.74 5.69 -22.67
C GLU B 248 6.88 4.61 -21.59
N LEU B 249 6.90 3.35 -21.99
CA LEU B 249 7.06 2.25 -21.05
C LEU B 249 8.42 2.32 -20.33
N TYR B 250 9.46 2.74 -21.06
CA TYR B 250 10.79 2.93 -20.47
C TYR B 250 10.76 4.09 -19.48
N GLN B 251 10.05 5.18 -19.82
CA GLN B 251 9.88 6.30 -18.90
C GLN B 251 9.11 5.89 -17.65
N LEU B 252 8.23 4.90 -17.75
CA LEU B 252 7.49 4.44 -16.59
C LEU B 252 8.29 3.42 -15.78
N ASN B 253 9.28 2.77 -16.42
CA ASN B 253 10.06 1.71 -15.82
C ASN B 253 11.53 2.00 -16.04
N PRO B 254 11.99 3.18 -15.61
CA PRO B 254 13.33 3.62 -15.92
C PRO B 254 14.47 2.83 -15.30
N ALA B 255 14.16 1.97 -14.31
CA ALA B 255 15.21 1.21 -13.62
C ALA B 255 15.83 0.16 -14.54
N TYR B 256 15.05 -0.29 -15.52
CA TYR B 256 15.46 -1.36 -16.42
C TYR B 256 16.34 -0.80 -17.52
N LYS B 257 17.63 -0.71 -17.23
CA LYS B 257 18.61 0.01 -18.05
C LYS B 257 18.74 -0.58 -19.45
N ARG B 258 18.50 -1.89 -19.59
CA ARG B 258 18.65 -2.57 -20.87
C ARG B 258 17.28 -2.96 -21.44
N ARG B 259 16.22 -2.29 -20.93
CA ARG B 259 14.86 -2.46 -21.39
C ARG B 259 14.41 -3.92 -21.35
N VAL B 260 14.85 -4.68 -20.33
CA VAL B 260 14.30 -6.01 -20.06
C VAL B 260 14.08 -6.16 -18.56
N THR B 261 13.05 -6.93 -18.18
CA THR B 261 12.68 -7.08 -16.78
C THR B 261 13.60 -8.11 -16.13
N MET B 262 14.66 -7.62 -15.49
CA MET B 262 15.59 -8.48 -14.79
C MET B 262 16.04 -7.75 -13.53
N ASP B 263 16.22 -8.50 -12.43
CA ASP B 263 16.88 -8.06 -11.21
C ASP B 263 16.05 -7.05 -10.41
N GLY B 264 14.77 -6.92 -10.77
CA GLY B 264 13.92 -5.89 -10.20
C GLY B 264 12.67 -6.46 -9.54
N PRO B 265 11.57 -5.68 -9.46
CA PRO B 265 10.37 -6.12 -8.77
C PRO B 265 9.44 -7.09 -9.50
N GLN B 266 9.75 -7.51 -10.72
CA GLN B 266 8.80 -8.40 -11.40
C GLN B 266 7.44 -7.68 -11.52
N GLN B 267 7.51 -6.46 -12.04
CA GLN B 267 6.34 -5.59 -12.09
C GLN B 267 6.65 -4.56 -13.14
N LEU B 268 5.66 -4.27 -13.99
CA LEU B 268 5.80 -3.15 -14.90
C LEU B 268 4.70 -2.15 -14.56
N LEU B 269 5.05 -0.88 -14.58
CA LEU B 269 4.06 0.17 -14.55
C LEU B 269 3.63 0.39 -16.00
N VAL B 270 2.33 0.40 -16.21
CA VAL B 270 1.86 0.59 -17.58
C VAL B 270 0.77 1.65 -17.58
N PRO B 271 0.55 2.30 -18.74
CA PRO B 271 -0.51 3.28 -18.86
C PRO B 271 -1.86 2.67 -18.52
N MET B 272 -2.71 3.40 -17.78
CA MET B 272 -3.99 2.93 -17.29
C MET B 272 -4.84 2.36 -18.42
N GLU B 273 -4.85 3.01 -19.58
CA GLU B 273 -5.80 2.61 -20.61
C GLU B 273 -5.45 1.23 -21.19
N LYS B 274 -4.23 0.74 -20.94
CA LYS B 274 -3.81 -0.57 -21.42
C LYS B 274 -3.62 -1.57 -20.27
N ALA B 275 -3.97 -1.17 -19.04
CA ALA B 275 -3.72 -2.01 -17.86
C ALA B 275 -4.58 -3.29 -17.86
N ALA B 276 -5.87 -3.20 -18.15
CA ALA B 276 -6.67 -4.43 -18.19
C ALA B 276 -6.10 -5.42 -19.20
N PHE B 277 -5.82 -4.93 -20.42
CA PHE B 277 -5.31 -5.80 -21.46
C PHE B 277 -3.99 -6.45 -21.06
N LEU B 278 -3.07 -5.66 -20.53
CA LEU B 278 -1.75 -6.17 -20.19
C LEU B 278 -1.79 -7.04 -18.93
N THR B 279 -2.68 -6.73 -17.96
CA THR B 279 -2.80 -7.59 -16.79
C THR B 279 -3.18 -8.99 -17.25
N ALA B 280 -4.17 -9.07 -18.16
CA ALA B 280 -4.66 -10.35 -18.65
C ALA B 280 -3.63 -11.06 -19.54
N SER B 281 -2.85 -10.30 -20.30
CA SER B 281 -1.92 -10.89 -21.25
C SER B 281 -0.66 -11.44 -20.56
N LEU B 282 -0.11 -10.69 -19.59
CA LEU B 282 1.15 -11.02 -18.94
C LEU B 282 0.92 -11.82 -17.66
N ASP B 283 -0.27 -12.42 -17.52
CA ASP B 283 -0.67 -13.11 -16.30
C ASP B 283 -0.27 -14.58 -16.37
N THR B 284 0.54 -15.04 -15.40
CA THR B 284 0.64 -16.47 -15.09
C THR B 284 -0.52 -16.84 -14.16
N THR B 291 -4.63 -29.26 -9.11
CA THR B 291 -3.75 -29.86 -8.07
C THR B 291 -4.28 -31.24 -7.65
N ALA B 292 -5.59 -31.51 -7.81
CA ALA B 292 -6.21 -32.75 -7.36
C ALA B 292 -5.42 -33.97 -7.84
N TRP B 293 -4.92 -34.79 -6.90
CA TRP B 293 -4.11 -35.96 -7.22
C TRP B 293 -5.01 -37.14 -7.55
N GLN B 294 -4.38 -38.21 -8.09
CA GLN B 294 -5.09 -39.41 -8.51
C GLN B 294 -4.42 -40.65 -7.90
N GLN B 295 -5.26 -41.62 -7.53
CA GLN B 295 -4.80 -42.94 -7.10
C GLN B 295 -4.55 -43.83 -8.30
N TYR B 296 -3.48 -44.64 -8.22
CA TYR B 296 -3.17 -45.59 -9.25
C TYR B 296 -2.83 -46.95 -8.62
N ARG B 297 -3.45 -47.98 -9.19
CA ARG B 297 -3.30 -49.35 -8.73
C ARG B 297 -2.25 -50.02 -9.62
N VAL B 298 -1.13 -50.42 -9.00
CA VAL B 298 0.02 -50.95 -9.72
C VAL B 298 -0.33 -52.32 -10.29
N ARG B 299 -0.16 -52.45 -11.61
CA ARG B 299 -0.38 -53.71 -12.31
C ARG B 299 0.88 -54.57 -12.24
N SER B 300 0.77 -55.79 -12.79
CA SER B 300 1.90 -56.68 -13.01
C SER B 300 2.62 -56.25 -14.27
N GLY B 301 3.95 -56.08 -14.18
CA GLY B 301 4.77 -55.63 -15.30
C GLY B 301 4.90 -54.11 -15.36
N ASP B 302 4.40 -53.41 -14.33
CA ASP B 302 4.57 -51.98 -14.20
C ASP B 302 5.93 -51.67 -13.59
N SER B 303 6.51 -50.56 -14.05
CA SER B 303 7.66 -49.92 -13.43
C SER B 303 7.33 -48.44 -13.25
N LEU B 304 8.14 -47.75 -12.44
CA LEU B 304 8.03 -46.30 -12.33
C LEU B 304 8.03 -45.67 -13.72
N HIS B 305 8.94 -46.17 -14.59
CA HIS B 305 9.07 -45.68 -15.96
C HIS B 305 7.74 -45.81 -16.72
N SER B 306 7.15 -47.02 -16.76
CA SER B 306 5.97 -47.26 -17.59
C SER B 306 4.79 -46.46 -17.08
N ILE B 307 4.65 -46.36 -15.73
CA ILE B 307 3.58 -45.61 -15.10
C ILE B 307 3.72 -44.12 -15.42
N ALA B 308 4.95 -43.61 -15.21
CA ALA B 308 5.23 -42.20 -15.49
C ALA B 308 4.95 -41.91 -16.96
N ASN B 309 5.35 -42.82 -17.84
CA ASN B 309 5.16 -42.65 -19.28
C ASN B 309 3.67 -42.58 -19.62
N ARG B 310 2.85 -43.46 -19.01
CA ARG B 310 1.41 -43.47 -19.25
C ARG B 310 0.77 -42.15 -18.84
N TYR B 311 1.30 -41.50 -17.79
CA TYR B 311 0.68 -40.29 -17.24
C TYR B 311 1.37 -39.02 -17.70
N ARG B 312 2.33 -39.14 -18.64
CA ARG B 312 3.07 -38.02 -19.21
C ARG B 312 3.76 -37.22 -18.10
N ILE B 313 4.39 -37.96 -17.17
CA ILE B 313 5.22 -37.36 -16.14
C ILE B 313 6.57 -38.10 -16.15
N THR B 314 7.48 -37.62 -15.31
CA THR B 314 8.81 -38.21 -15.14
C THR B 314 8.81 -39.14 -13.92
N VAL B 315 9.75 -40.09 -13.93
CA VAL B 315 10.01 -40.96 -12.79
C VAL B 315 10.36 -40.11 -11.57
N ALA B 316 11.17 -39.06 -11.78
CA ALA B 316 11.56 -38.16 -10.70
C ALA B 316 10.30 -37.59 -10.03
N GLU B 317 9.35 -37.05 -10.81
CA GLU B 317 8.22 -36.39 -10.15
C GLU B 317 7.25 -37.44 -9.58
N LEU B 318 7.27 -38.68 -10.09
CA LEU B 318 6.45 -39.75 -9.55
C LEU B 318 6.98 -40.19 -8.18
N LYS B 319 8.31 -40.21 -8.00
CA LYS B 319 8.91 -40.56 -6.72
C LYS B 319 8.68 -39.46 -5.69
N SER B 320 8.79 -38.19 -6.13
CA SER B 320 8.46 -37.02 -5.33
C SER B 320 7.04 -37.07 -4.77
N ALA B 321 6.09 -37.62 -5.55
CA ALA B 321 4.68 -37.65 -5.19
C ALA B 321 4.33 -38.83 -4.27
N ASN B 322 5.30 -39.70 -3.99
CA ASN B 322 5.06 -40.91 -3.22
C ASN B 322 6.14 -41.05 -2.15
N ARG B 323 5.95 -42.07 -1.31
CA ARG B 323 6.85 -42.43 -0.23
C ARG B 323 7.03 -43.94 -0.30
N LEU B 324 8.24 -44.43 -0.61
CA LEU B 324 8.52 -45.87 -0.64
C LEU B 324 9.88 -46.16 -0.02
N SER B 326 12.65 -47.64 -2.71
CA SER B 326 12.53 -48.95 -3.41
C SER B 326 11.89 -48.73 -4.79
N ASN B 327 12.67 -48.98 -5.86
CA ASN B 327 12.21 -48.88 -7.24
C ASN B 327 11.23 -50.00 -7.58
N HIS B 328 11.34 -51.13 -6.87
CA HIS B 328 10.59 -52.34 -7.17
C HIS B 328 9.16 -52.16 -6.65
N LEU B 329 8.19 -52.23 -7.57
CA LEU B 329 6.78 -52.08 -7.24
C LEU B 329 6.15 -53.45 -7.08
N ARG B 330 5.02 -53.52 -6.37
CA ARG B 330 4.27 -54.76 -6.22
C ARG B 330 2.88 -54.56 -6.82
N LYS B 331 2.34 -55.65 -7.40
CA LYS B 331 0.98 -55.68 -7.92
C LYS B 331 -0.01 -55.29 -6.82
N GLY B 332 -0.94 -54.38 -7.14
CA GLY B 332 -1.99 -53.96 -6.22
C GLY B 332 -1.57 -52.79 -5.33
N GLN B 333 -0.32 -52.32 -5.46
CA GLN B 333 0.20 -51.18 -4.72
C GLN B 333 -0.47 -49.91 -5.22
N GLN B 334 -0.67 -48.94 -4.31
CA GLN B 334 -1.42 -47.73 -4.60
C GLN B 334 -0.45 -46.55 -4.66
N LEU B 335 -0.51 -45.77 -5.76
CA LEU B 335 0.38 -44.63 -5.97
C LEU B 335 -0.44 -43.38 -6.27
N SER B 336 0.00 -42.23 -5.71
CA SER B 336 -0.52 -40.93 -6.10
C SER B 336 0.16 -40.46 -7.37
N ILE B 337 -0.64 -40.12 -8.38
CA ILE B 337 -0.15 -39.51 -9.61
C ILE B 337 -0.25 -37.99 -9.44
N PRO B 338 0.89 -37.25 -9.42
CA PRO B 338 0.85 -35.80 -9.17
C PRO B 338 0.37 -35.01 -10.40
C1 PEG C . -2.50 11.80 17.58
O1 PEG C . -1.21 11.23 17.73
C2 PEG C . -3.59 10.83 17.92
O2 PEG C . -4.79 11.52 18.26
C3 PEG C . -5.56 10.85 19.25
C4 PEG C . -6.78 11.68 19.60
O4 PEG C . -6.62 12.39 20.82
C1 BLG D . -7.68 3.07 21.93
C2 BLG D . -7.44 4.10 20.84
C3 BLG D . -6.74 5.33 21.41
C4 BLG D . -7.43 5.78 22.69
C5 BLG D . -7.53 4.64 23.66
O5 BLG D . -8.34 3.63 23.05
O1 BLG D . -8.49 2.06 21.42
N2 BLG D . -6.73 3.52 19.73
C7 BLG D . -7.29 3.44 18.52
O7 BLG D . -8.38 3.95 18.29
C8 BLG D . -6.55 2.65 17.48
O3 BLG D . -6.72 6.43 20.51
O4 BLG D . -6.55 6.79 23.28
S4 BLG D . -6.99 8.25 23.50
O41 BLG D . -5.88 9.05 23.12
O42 BLG D . -7.19 8.26 24.95
O43 BLG D . -8.15 8.49 22.71
C6 BLG D . -8.13 5.01 25.01
O6 BLG D . -9.39 5.66 24.89
CA BLG D . -8.38 -0.27 20.71
CB BLG D . -8.28 0.72 21.87
CG BLG D . -9.39 0.27 22.82
CD BLG D . -9.36 -1.26 22.73
N BLG D . -8.99 -1.54 21.28
C9 BLG D . -7.05 -0.55 20.06
O9 BLG D . -6.20 -1.32 20.88
C10 BLG D . -10.69 -1.87 23.07
O10 BLG D . -11.59 -1.91 22.22
N3 BLG D . -10.82 -2.31 24.32
C11 BLG D . -11.99 -3.03 24.80
C12 BLG D . -11.97 -4.45 24.29
S BLG D . -13.36 -5.43 24.78
OS1 BLG D . -14.43 -5.12 23.88
OS2 BLG D . -12.88 -6.79 24.80
OS3 BLG D . -13.63 -4.82 26.21
ZN ZN E . 17.88 3.25 7.32
ZN ZN F . 13.91 -7.83 3.10
ZN ZN G . -37.51 -17.47 -32.49
ZN ZN H . -52.58 -5.62 -14.41
ZN ZN I . -11.45 -16.63 -6.20
ZN ZN J . -8.06 -3.15 20.73
ZN ZN K . 12.46 3.56 15.25
C1 PEG L . 19.86 7.93 8.00
O1 PEG L . 18.62 7.87 8.69
C2 PEG L . 20.00 6.86 6.98
O2 PEG L . 20.93 7.24 5.97
C3 PEG L . 22.28 7.22 6.42
C4 PEG L . 23.14 7.79 5.36
O4 PEG L . 22.78 7.28 4.10
C1 BLG M . 23.02 13.55 -0.67
C1 BLG M . 22.96 13.68 -0.62
C2 BLG M . 22.48 12.27 -0.07
C2 BLG M . 22.48 12.36 -0.07
C3 BLG M . 22.83 12.16 1.40
C3 BLG M . 22.83 12.21 1.40
C4 BLG M . 24.33 12.41 1.61
C4 BLG M . 24.31 12.48 1.60
C5 BLG M . 24.74 13.71 0.95
C5 BLG M . 24.68 13.86 1.04
O5 BLG M . 24.42 13.64 -0.45
O5 BLG M . 24.35 13.91 -0.35
O1 BLG M . 22.74 13.54 -2.05
O1 BLG M . 22.77 13.64 -2.01
N2 BLG M . 21.06 12.18 -0.29
N2 BLG M . 21.05 12.29 -0.29
C7 BLG M . 20.49 11.21 -1.00
C7 BLG M . 20.46 11.30 -0.96
O7 BLG M . 21.14 10.29 -1.51
O7 BLG M . 21.07 10.34 -1.41
C8 BLG M . 19.00 11.32 -1.19
C8 BLG M . 18.99 11.47 -1.16
O3 BLG M . 22.46 10.87 1.88
O3 BLG M . 22.49 10.90 1.85
O4 BLG M . 24.54 12.58 3.04
O4 BLG M . 24.55 12.52 3.05
S4 BLG M . 25.50 11.58 3.81
S4 BLG M . 25.60 11.52 3.67
O41 BLG M . 26.34 10.94 2.82
O41 BLG M . 26.89 12.13 3.44
O42 BLG M . 24.56 10.69 4.45
O42 BLG M . 25.44 10.24 3.03
O43 BLG M . 26.23 12.44 4.73
O43 BLG M . 25.20 11.53 5.07
C6 BLG M . 26.22 14.01 1.07
C6 BLG M . 26.15 14.22 1.17
O6 BLG M . 27.03 12.91 0.64
O6 BLG M . 26.93 13.56 0.18
CA BLG M . 21.22 14.65 -3.51
CA BLG M . 21.36 14.67 -3.59
CB BLG M . 22.42 14.81 -2.59
CB BLG M . 22.51 14.89 -2.61
CG BLG M . 23.51 15.34 -3.50
CG BLG M . 23.67 15.38 -3.49
CD BLG M . 22.76 16.31 -4.39
CD BLG M . 22.97 16.30 -4.47
N BLG M . 21.43 15.65 -4.63
N BLG M . 21.63 15.65 -4.72
C9 BLG M . 19.88 14.89 -2.82
C9 BLG M . 19.99 14.89 -2.97
O9 BLG M . 19.59 16.28 -2.78
O9 BLG M . 19.70 16.28 -2.90
C10 BLG M . 23.45 16.59 -5.71
C10 BLG M . 23.73 16.43 -5.79
O10 BLG M . 23.57 15.67 -6.53
O10 BLG M . 23.84 15.45 -6.52
N3 BLG M . 23.87 17.83 -5.90
N3 BLG M . 24.23 17.64 -6.07
C11 BLG M . 24.51 18.27 -7.14
C11 BLG M . 24.96 17.93 -7.30
C12 BLG M . 25.94 18.70 -6.96
C12 BLG M . 24.06 18.48 -8.40
S BLG M . 27.10 17.50 -7.55
S BLG M . 24.91 19.05 -9.86
OS1 BLG M . 27.09 16.43 -6.59
OS1 BLG M . 24.04 20.03 -10.45
OS2 BLG M . 28.31 18.21 -7.85
OS2 BLG M . 26.21 19.45 -9.41
OS3 BLG M . 26.45 17.04 -8.89
OS3 BLG M . 25.06 17.83 -10.83
ZN ZN N . 8.66 9.43 12.48
ZN ZN O . -2.90 13.43 13.57
ZN ZN P . -7.46 16.18 2.12
ZN ZN Q . 6.16 16.43 11.84
ZN ZN R . 19.97 16.86 -5.43
#